data_6RC8
#
_entry.id   6RC8
#
loop_
_entity.id
_entity.type
_entity.pdbx_description
1 polymer Afp2
2 polymer Afp3
#
loop_
_entity_poly.entity_id
_entity_poly.type
_entity_poly.pdbx_seq_one_letter_code
_entity_poly.pdbx_strand_id
1 'polypeptide(L)'
;MTVTTTYPGVYLSEDAVSSFSVNSAATAVPLFAYDSENTNTINKPIQVFRNWAEFTVEYPTPLEDAFYTSLSLWFMHGGG
KCYLVNEANIADAVAQYDDITLIVAAGTDTTTYTAFTTVVGQGYRIFGLFDGPKEKIAGTAKPDEVMEEYPTSPFGAVFY
PWGTLASGAAVPPSAIAAASITQTDRTRGVWKAPANQAVNGVTPAFAVSDDFQGKYNQGKALNMIRTFSGQGTVVWGART
LEDSDNWRYIPVRRLFNAVERDIQKSLNKLVFEPNSQPTWQRVKAAVDSYLHSLWQQGALAGNTPADAWFVQVGKDLTMT
QEEINQGKMIIKIGLAAVRPAEFIILQFSQDIAQ
;
A
2 'polypeptide(L)'
;MATVTSVPGVYIEEDASPAMSVSASATAVPLFVARFTPLKPELAGVITRIGSWLDYTILFDSNVPSSARVTVSSTAVEPS
PEFDALETASSKATTTYTYQIDDTEVVDPTASVALRLYFQNGGGPCYLYPLEKADDNGPLAALPDLIDEVGEITLLASPD
PDETYRTAVYGALAASLDQHKGYFLLADSVNGDAPSAVGGSAQVAVYYPNVEVPHTRKLDDAEVAIDGYLDDEGKAVTTL
AALRVVNTEFAGEIAQSLSGDLSAPLSLPPSALIAGVYGKTDGERGVWKAPANVVLNGVSDVSVRVTNEQQAELNPKGIN
VIRHFSDRGLVVWGSRTQKDDDDWRYIPVRRLFDAAERDIKKALQPMVFEPNSQLTWKRVQTAIDNYLYRLWQQGALAGN
KAEEAYFVRVGKGITMTQDEINQGKMIIQVGMAAVRPAEFIILKFTQDMSQ
;
B
#
# COMPACT_ATOMS: atom_id res chain seq x y z
N THR A 4 48.48 -33.93 39.74
CA THR A 4 49.59 -34.68 40.32
C THR A 4 49.10 -36.02 40.88
N THR A 5 50.06 -36.91 41.16
CA THR A 5 49.74 -38.28 41.55
C THR A 5 50.63 -38.70 42.71
N THR A 6 50.62 -37.88 43.77
CA THR A 6 51.53 -38.04 44.90
C THR A 6 51.26 -39.32 45.69
N TYR A 7 50.08 -39.40 46.33
CA TYR A 7 49.80 -40.50 47.24
C TYR A 7 48.84 -41.52 46.62
N PRO A 8 48.87 -42.76 47.08
CA PRO A 8 47.92 -43.75 46.57
C PRO A 8 46.52 -43.53 47.11
N GLY A 9 45.53 -43.92 46.33
CA GLY A 9 44.15 -43.67 46.64
C GLY A 9 43.35 -43.46 45.37
N VAL A 10 42.13 -42.96 45.54
CA VAL A 10 41.19 -42.79 44.43
C VAL A 10 41.14 -41.31 44.08
N TYR A 11 41.64 -40.97 42.89
CA TYR A 11 41.55 -39.63 42.34
C TYR A 11 40.41 -39.57 41.33
N LEU A 12 39.95 -38.36 41.05
CA LEU A 12 38.98 -38.15 39.99
C LEU A 12 39.17 -36.77 39.36
N SER A 13 39.03 -36.71 38.05
CA SER A 13 39.02 -35.48 37.29
C SER A 13 37.68 -35.31 36.60
N GLU A 14 37.44 -34.12 36.07
CA GLU A 14 36.22 -33.86 35.30
C GLU A 14 36.54 -33.30 33.93
N ASP A 15 35.51 -32.88 33.19
CA ASP A 15 35.71 -32.32 31.87
C ASP A 15 36.39 -30.96 31.97
N ALA A 16 37.12 -30.61 30.90
CA ALA A 16 37.82 -29.32 30.86
C ALA A 16 36.91 -28.22 30.33
N VAL A 17 36.41 -28.39 29.10
CA VAL A 17 35.64 -27.35 28.43
C VAL A 17 34.29 -27.94 28.06
N SER A 18 33.28 -27.08 27.97
CA SER A 18 31.94 -27.46 27.58
C SER A 18 31.53 -26.73 26.30
N SER A 19 30.27 -26.93 25.91
CA SER A 19 29.74 -26.27 24.73
C SER A 19 29.49 -24.79 25.00
N PHE A 20 29.17 -24.05 23.94
CA PHE A 20 28.78 -22.66 24.07
C PHE A 20 27.80 -22.33 22.96
N SER A 21 26.97 -21.32 23.20
CA SER A 21 26.09 -20.78 22.17
C SER A 21 25.75 -19.34 22.53
N VAL A 22 25.12 -18.66 21.58
CA VAL A 22 24.82 -17.24 21.69
C VAL A 22 23.42 -17.05 22.25
N ASN A 23 23.24 -15.97 22.99
CA ASN A 23 21.93 -15.59 23.52
C ASN A 23 21.34 -14.50 22.62
N SER A 24 20.01 -14.43 22.58
CA SER A 24 19.33 -13.85 21.44
C SER A 24 19.61 -12.36 21.27
N ALA A 25 19.02 -11.52 22.12
CA ALA A 25 18.95 -10.09 21.83
C ALA A 25 18.26 -9.29 22.93
N ALA A 26 18.24 -7.97 22.77
CA ALA A 26 17.37 -7.05 23.47
C ALA A 26 16.60 -6.15 22.50
N THR A 27 17.27 -5.69 21.43
CA THR A 27 16.64 -5.18 20.22
C THR A 27 16.02 -3.80 20.37
N ALA A 28 15.79 -3.34 21.61
CA ALA A 28 15.20 -2.00 21.79
C ALA A 28 15.53 -1.47 23.18
N VAL A 29 16.59 -0.67 23.26
CA VAL A 29 16.83 0.16 24.44
C VAL A 29 17.21 1.55 23.95
N PRO A 30 16.30 2.51 23.99
CA PRO A 30 16.61 3.86 23.52
C PRO A 30 17.10 4.79 24.61
N LEU A 31 17.92 5.76 24.20
CA LEU A 31 18.25 6.93 25.01
C LEU A 31 17.71 8.16 24.29
N PHE A 32 17.19 9.11 25.05
CA PHE A 32 16.43 10.21 24.49
C PHE A 32 17.27 11.49 24.52
N ALA A 33 16.70 12.57 23.98
CA ALA A 33 17.41 13.83 23.81
C ALA A 33 16.84 14.86 24.78
N TYR A 34 17.47 14.98 25.94
CA TYR A 34 17.16 16.05 26.87
C TYR A 34 17.70 17.37 26.32
N ASP A 35 17.26 18.48 26.90
CA ASP A 35 17.73 19.81 26.52
C ASP A 35 18.45 20.45 27.69
N SER A 36 19.64 21.00 27.44
CA SER A 36 20.48 21.46 28.55
C SER A 36 19.94 22.75 29.16
N GLU A 37 19.35 23.63 28.35
CA GLU A 37 18.85 24.91 28.85
C GLU A 37 17.47 24.83 29.47
N ASN A 38 16.91 23.62 29.61
CA ASN A 38 15.54 23.49 30.08
C ASN A 38 15.46 23.66 31.59
N THR A 39 14.33 24.19 32.05
CA THR A 39 14.18 24.61 33.44
C THR A 39 13.28 23.68 34.25
N ASN A 40 12.15 23.26 33.69
CA ASN A 40 11.16 22.48 34.43
C ASN A 40 11.56 20.99 34.45
N THR A 41 12.70 20.74 35.09
CA THR A 41 13.35 19.43 35.00
C THR A 41 14.45 19.39 36.07
N ILE A 42 15.11 18.24 36.16
CA ILE A 42 16.17 18.02 37.13
C ILE A 42 17.50 18.35 36.48
N ASN A 43 18.42 18.89 37.26
CA ASN A 43 19.77 19.18 36.81
C ASN A 43 20.64 17.93 36.69
N LYS A 44 20.12 16.75 37.03
CA LYS A 44 20.86 15.52 36.85
C LYS A 44 20.94 15.19 35.36
N PRO A 45 22.13 14.95 34.81
CA PRO A 45 22.24 14.70 33.37
C PRO A 45 21.64 13.37 32.93
N ILE A 46 21.95 12.30 33.66
CA ILE A 46 21.57 10.95 33.27
C ILE A 46 20.49 10.45 34.22
N GLN A 47 19.31 10.17 33.68
CA GLN A 47 18.24 9.51 34.41
C GLN A 47 17.98 8.15 33.80
N VAL A 48 17.54 7.21 34.63
CA VAL A 48 17.19 5.86 34.18
C VAL A 48 15.75 5.58 34.58
N PHE A 49 14.88 5.38 33.59
CA PHE A 49 13.47 5.07 33.81
C PHE A 49 13.18 3.67 33.31
N ARG A 50 12.43 2.91 34.10
CA ARG A 50 12.17 1.51 33.75
C ARG A 50 10.76 1.22 33.30
N ASN A 51 9.75 1.84 33.92
CA ASN A 51 8.40 1.82 33.38
C ASN A 51 7.66 3.09 33.81
N TRP A 52 6.35 3.10 33.59
CA TRP A 52 5.53 4.30 33.74
C TRP A 52 5.36 4.72 35.20
N ALA A 53 5.66 3.82 36.14
CA ALA A 53 5.36 4.07 37.54
C ALA A 53 6.22 5.19 38.13
N GLU A 54 7.54 5.07 38.01
CA GLU A 54 8.42 6.09 38.59
C GLU A 54 8.49 7.37 37.76
N PHE A 55 8.07 7.31 36.50
CA PHE A 55 8.01 8.51 35.69
C PHE A 55 6.93 9.47 36.19
N THR A 56 5.84 8.94 36.75
CA THR A 56 4.77 9.79 37.25
C THR A 56 5.10 10.38 38.62
N VAL A 57 5.77 9.62 39.49
CA VAL A 57 6.14 10.15 40.80
C VAL A 57 7.28 11.14 40.69
N GLU A 58 8.08 11.08 39.64
CA GLU A 58 9.11 12.09 39.43
C GLU A 58 8.54 13.35 38.80
N TYR A 59 7.60 13.18 37.86
CA TYR A 59 6.95 14.29 37.15
C TYR A 59 5.47 14.25 37.46
N PRO A 60 5.02 14.90 38.54
CA PRO A 60 3.61 14.79 38.93
C PRO A 60 2.69 15.63 38.07
N THR A 61 3.22 16.71 37.51
CA THR A 61 2.31 17.54 36.73
C THR A 61 2.46 17.27 35.24
N PRO A 62 1.36 17.27 34.48
CA PRO A 62 1.48 17.18 33.02
C PRO A 62 2.04 18.49 32.44
N LEU A 63 3.12 18.37 31.68
CA LEU A 63 3.82 19.50 31.12
C LEU A 63 3.53 19.59 29.62
N GLU A 64 4.21 20.52 28.94
CA GLU A 64 4.03 20.73 27.52
C GLU A 64 5.31 20.61 26.72
N ASP A 65 6.43 20.26 27.37
CA ASP A 65 7.72 20.24 26.71
C ASP A 65 7.85 19.01 25.83
N ALA A 66 8.83 19.06 24.91
CA ALA A 66 8.94 18.03 23.89
C ALA A 66 9.35 16.68 24.46
N PHE A 67 10.11 16.67 25.55
CA PHE A 67 10.49 15.39 26.15
C PHE A 67 9.34 14.76 26.93
N TYR A 68 8.48 15.57 27.55
CA TYR A 68 7.36 15.02 28.29
C TYR A 68 6.34 14.39 27.35
N THR A 69 6.15 14.99 26.18
CA THR A 69 5.27 14.42 25.17
C THR A 69 5.88 13.23 24.44
N SER A 70 7.19 13.00 24.61
CA SER A 70 7.86 11.90 23.93
C SER A 70 7.84 10.62 24.75
N LEU A 71 8.15 10.71 26.04
CA LEU A 71 8.14 9.50 26.86
C LEU A 71 6.72 9.03 27.14
N SER A 72 5.75 9.96 27.19
CA SER A 72 4.36 9.57 27.33
C SER A 72 3.84 8.84 26.10
N LEU A 73 4.46 9.05 24.93
CA LEU A 73 4.13 8.29 23.74
C LEU A 73 4.93 7.00 23.61
N TRP A 74 6.07 6.90 24.30
CA TRP A 74 6.82 5.65 24.30
C TRP A 74 6.12 4.60 25.17
N PHE A 75 5.79 4.98 26.41
CA PHE A 75 5.22 4.01 27.35
C PHE A 75 3.81 3.61 26.96
N MET A 76 3.07 4.50 26.28
CA MET A 76 1.68 4.23 25.96
C MET A 76 1.53 3.16 24.90
N HIS A 77 2.56 2.92 24.09
CA HIS A 77 2.57 1.83 23.11
C HIS A 77 3.43 0.67 23.59
N GLY A 78 3.40 0.35 24.87
CA GLY A 78 4.22 -0.69 25.42
C GLY A 78 5.50 -0.16 26.04
N GLY A 79 6.63 -0.39 25.36
CA GLY A 79 7.89 0.18 25.79
C GLY A 79 8.50 -0.58 26.96
N GLY A 80 9.71 -0.16 27.32
CA GLY A 80 10.46 -0.83 28.37
C GLY A 80 11.47 0.06 29.04
N LYS A 81 12.68 -0.45 29.22
CA LYS A 81 13.74 0.27 29.91
C LYS A 81 14.34 1.31 28.96
N CYS A 82 14.10 2.59 29.25
CA CYS A 82 14.56 3.69 28.43
C CYS A 82 15.32 4.70 29.28
N TYR A 83 16.34 5.30 28.68
CA TYR A 83 17.20 6.25 29.37
C TYR A 83 16.85 7.68 28.96
N LEU A 84 17.51 8.64 29.60
CA LEU A 84 17.30 10.05 29.28
C LEU A 84 18.57 10.81 29.65
N VAL A 85 19.33 11.22 28.65
CA VAL A 85 20.63 11.87 28.87
C VAL A 85 20.60 13.24 28.21
N ASN A 86 21.39 14.16 28.75
CA ASN A 86 21.53 15.47 28.13
C ASN A 86 22.33 15.37 26.84
N GLU A 87 22.26 16.44 26.05
CA GLU A 87 22.79 16.41 24.69
C GLU A 87 24.29 16.71 24.63
N ALA A 88 24.97 16.74 25.78
CA ALA A 88 26.42 16.84 25.80
C ALA A 88 27.12 15.56 26.23
N ASN A 89 26.37 14.52 26.62
CA ASN A 89 26.98 13.32 27.20
C ASN A 89 26.48 12.05 26.53
N ILE A 90 26.19 12.12 25.22
CA ILE A 90 25.90 10.88 24.49
C ILE A 90 27.17 10.06 24.32
N ALA A 91 28.30 10.72 24.05
CA ALA A 91 29.55 10.01 23.80
C ALA A 91 30.06 9.26 25.02
N ASP A 92 29.59 9.62 26.22
CA ASP A 92 29.91 8.86 27.42
C ASP A 92 28.89 7.78 27.73
N ALA A 93 27.60 8.07 27.52
CA ALA A 93 26.57 7.15 27.98
C ALA A 93 26.47 5.91 27.11
N VAL A 94 26.87 6.00 25.84
CA VAL A 94 26.82 4.83 24.97
C VAL A 94 27.97 3.88 25.28
N ALA A 95 29.16 4.43 25.58
CA ALA A 95 30.34 3.62 25.83
C ALA A 95 30.29 2.89 27.17
N GLN A 96 29.34 3.22 28.04
CA GLN A 96 29.24 2.59 29.36
C GLN A 96 28.17 1.52 29.42
N TYR A 97 26.93 1.85 29.03
CA TYR A 97 25.78 1.08 29.47
C TYR A 97 25.53 -0.18 28.64
N ASP A 98 26.23 -0.33 27.51
CA ASP A 98 26.46 -1.60 26.84
C ASP A 98 25.18 -2.21 26.26
N ASP A 99 24.07 -1.47 26.21
CA ASP A 99 22.84 -2.02 25.64
C ASP A 99 22.06 -1.01 24.80
N ILE A 100 22.65 0.10 24.41
CA ILE A 100 21.91 1.14 23.68
C ILE A 100 21.73 0.70 22.24
N THR A 101 20.53 0.91 21.70
CA THR A 101 20.22 0.60 20.31
C THR A 101 19.80 1.82 19.51
N LEU A 102 18.97 2.70 20.06
CA LEU A 102 18.42 3.83 19.31
C LEU A 102 18.86 5.14 19.95
N ILE A 103 19.23 6.09 19.10
CA ILE A 103 19.45 7.48 19.49
C ILE A 103 18.42 8.31 18.76
N VAL A 104 17.35 8.70 19.46
CA VAL A 104 16.30 9.52 18.87
C VAL A 104 16.53 10.97 19.28
N ALA A 105 15.92 11.88 18.53
CA ALA A 105 16.04 13.32 18.78
C ALA A 105 14.68 13.87 19.16
N ALA A 106 14.55 14.30 20.42
CA ALA A 106 13.29 14.89 20.89
C ALA A 106 13.33 16.41 20.70
N GLY A 107 13.39 16.82 19.44
CA GLY A 107 13.36 18.22 19.09
C GLY A 107 14.68 18.93 19.21
N THR A 108 15.79 18.20 19.06
CA THR A 108 17.12 18.78 19.02
C THR A 108 17.82 18.35 17.74
N ASP A 109 18.44 19.30 17.06
CA ASP A 109 19.09 19.03 15.78
C ASP A 109 20.56 19.42 15.75
N THR A 110 20.91 20.59 16.29
CA THR A 110 22.20 21.19 15.98
C THR A 110 23.34 20.42 16.63
N THR A 111 23.33 20.32 17.95
CA THR A 111 24.36 19.61 18.69
C THR A 111 24.13 18.10 18.78
N THR A 112 23.00 17.60 18.28
CA THR A 112 22.76 16.16 18.32
C THR A 112 23.46 15.44 17.18
N TYR A 113 23.57 16.07 16.01
CA TYR A 113 24.14 15.39 14.85
C TYR A 113 25.64 15.16 15.02
N THR A 114 26.32 16.01 15.79
CA THR A 114 27.74 15.82 16.06
C THR A 114 27.97 14.66 17.02
N ALA A 115 27.17 14.57 18.08
CA ALA A 115 27.32 13.48 19.04
C ALA A 115 26.85 12.14 18.49
N PHE A 116 25.97 12.15 17.49
CA PHE A 116 25.57 10.92 16.83
C PHE A 116 26.73 10.31 16.03
N THR A 117 27.33 11.11 15.14
CA THR A 117 28.41 10.63 14.30
C THR A 117 29.72 10.44 15.07
N THR A 118 29.79 10.88 16.32
CA THR A 118 30.96 10.60 17.14
C THR A 118 31.05 9.11 17.48
N VAL A 119 30.00 8.56 18.07
CA VAL A 119 30.03 7.17 18.50
C VAL A 119 29.95 6.20 17.34
N VAL A 120 29.55 6.67 16.15
CA VAL A 120 29.72 5.89 14.94
C VAL A 120 31.19 5.81 14.55
N GLY A 121 31.96 6.86 14.84
CA GLY A 121 33.36 6.90 14.45
C GLY A 121 34.22 5.87 15.15
N GLN A 122 33.87 5.51 16.39
CA GLN A 122 34.53 4.39 17.05
C GLN A 122 33.95 3.03 16.66
N GLY A 123 32.86 2.99 15.91
CA GLY A 123 32.28 1.74 15.51
C GLY A 123 31.53 1.02 16.62
N TYR A 124 30.52 1.66 17.18
CA TYR A 124 29.71 1.06 18.23
C TYR A 124 28.49 0.32 17.68
N ARG A 125 28.27 0.35 16.37
CA ARG A 125 27.20 -0.38 15.70
C ARG A 125 25.83 0.00 16.27
N ILE A 126 25.46 1.25 16.07
CA ILE A 126 24.23 1.81 16.60
C ILE A 126 23.41 2.36 15.43
N PHE A 127 22.13 2.63 15.70
CA PHE A 127 21.20 3.10 14.66
C PHE A 127 20.34 4.21 15.26
N GLY A 128 20.67 5.46 14.91
CA GLY A 128 19.86 6.60 15.30
C GLY A 128 18.69 6.82 14.38
N LEU A 129 17.94 7.88 14.67
CA LEU A 129 16.86 8.34 13.79
C LEU A 129 16.50 9.77 14.16
N PHE A 130 16.26 10.59 13.14
CA PHE A 130 16.28 12.04 13.26
C PHE A 130 14.89 12.62 13.06
N ASP A 131 14.81 13.94 13.20
CA ASP A 131 13.59 14.69 12.91
C ASP A 131 13.61 15.24 11.49
N GLY A 132 12.45 15.70 11.03
CA GLY A 132 12.33 16.35 9.75
C GLY A 132 12.33 17.87 9.88
N PRO A 133 12.08 18.57 8.78
CA PRO A 133 11.90 20.02 8.86
C PRO A 133 10.59 20.36 9.56
N LYS A 134 10.48 21.63 9.96
CA LYS A 134 9.48 21.98 10.97
C LYS A 134 8.06 21.95 10.41
N GLU A 135 7.79 22.75 9.38
CA GLU A 135 6.42 22.84 8.89
C GLU A 135 6.37 23.21 7.41
N LYS A 136 5.56 22.48 6.64
CA LYS A 136 4.98 22.94 5.38
C LYS A 136 6.07 23.29 4.35
N ILE A 137 6.72 22.25 3.83
CA ILE A 137 7.33 22.37 2.51
C ILE A 137 6.25 22.75 1.51
N ALA A 138 6.44 23.87 0.82
CA ALA A 138 5.39 24.36 -0.07
C ALA A 138 5.21 23.46 -1.29
N GLY A 139 6.25 22.71 -1.67
CA GLY A 139 6.19 21.86 -2.84
C GLY A 139 6.27 22.55 -4.18
N THR A 140 6.48 23.87 -4.21
CA THR A 140 6.63 24.54 -5.49
C THR A 140 7.93 24.15 -6.18
N ALA A 141 9.01 24.00 -5.42
CA ALA A 141 10.33 23.78 -5.98
C ALA A 141 11.22 23.17 -4.91
N LYS A 142 12.55 23.28 -5.11
CA LYS A 142 13.61 23.03 -4.14
C LYS A 142 13.46 21.66 -3.48
N PRO A 143 13.80 20.58 -4.17
CA PRO A 143 13.72 19.26 -3.55
C PRO A 143 14.93 18.88 -2.72
N ASP A 144 16.03 19.63 -2.82
CA ASP A 144 17.30 19.22 -2.24
C ASP A 144 17.78 20.11 -1.10
N GLU A 145 17.44 21.40 -1.10
CA GLU A 145 18.02 22.32 -0.14
C GLU A 145 17.50 22.13 1.28
N VAL A 146 16.50 21.27 1.49
CA VAL A 146 16.04 20.94 2.83
C VAL A 146 16.75 19.71 3.37
N MET A 147 17.78 19.23 2.65
CA MET A 147 18.36 17.93 2.96
C MET A 147 19.87 17.94 3.12
N GLU A 148 20.52 19.10 3.16
CA GLU A 148 21.96 19.13 3.40
C GLU A 148 22.31 19.32 4.87
N GLU A 149 21.33 19.62 5.71
CA GLU A 149 21.55 19.81 7.15
C GLU A 149 21.48 18.50 7.92
N TYR A 150 21.43 17.37 7.21
CA TYR A 150 21.31 16.05 7.80
C TYR A 150 22.54 15.21 7.47
N PRO A 151 23.17 14.59 8.47
CA PRO A 151 24.44 13.89 8.22
C PRO A 151 24.19 12.61 7.44
N THR A 152 24.79 12.53 6.25
CA THR A 152 24.60 11.37 5.39
C THR A 152 25.38 10.17 5.91
N SER A 153 24.65 9.11 6.23
CA SER A 153 25.17 7.90 6.83
C SER A 153 24.10 6.82 6.70
N PRO A 154 24.48 5.53 6.73
CA PRO A 154 23.47 4.48 6.65
C PRO A 154 22.72 4.24 7.94
N PHE A 155 22.83 5.18 8.88
CA PHE A 155 22.16 5.10 10.17
C PHE A 155 21.21 6.28 10.28
N GLY A 156 19.91 6.02 10.16
CA GLY A 156 18.93 7.03 10.51
C GLY A 156 17.89 7.37 9.46
N ALA A 157 16.78 7.97 9.90
CA ALA A 157 15.75 8.50 9.03
C ALA A 157 15.20 9.77 9.69
N VAL A 158 14.24 10.42 9.04
CA VAL A 158 13.87 11.79 9.35
C VAL A 158 12.41 11.94 9.75
N PHE A 159 11.50 11.25 9.06
CA PHE A 159 10.11 11.14 9.50
C PHE A 159 9.46 12.52 9.61
N TYR A 160 9.12 13.12 8.48
CA TYR A 160 8.75 14.53 8.42
C TYR A 160 7.49 14.94 9.20
N PRO A 161 6.29 14.46 8.82
CA PRO A 161 5.09 15.33 8.93
C PRO A 161 4.69 15.87 10.29
N TRP A 162 5.42 15.57 11.37
CA TRP A 162 5.21 16.24 12.66
C TRP A 162 3.78 16.01 13.18
N GLY A 163 3.50 14.76 13.57
CA GLY A 163 2.24 14.48 14.24
C GLY A 163 1.98 15.38 15.43
N THR A 164 0.70 15.64 15.73
CA THR A 164 0.32 16.77 16.57
C THR A 164 -0.32 16.38 17.90
N LEU A 165 -0.73 15.12 18.07
CA LEU A 165 -1.20 14.60 19.35
C LEU A 165 -2.40 15.41 19.87
N ALA A 166 -3.53 15.17 19.21
CA ALA A 166 -4.72 16.02 19.37
C ALA A 166 -5.18 16.15 20.81
N SER A 167 -4.74 15.28 21.72
CA SER A 167 -4.96 15.49 23.14
C SER A 167 -4.22 16.73 23.64
N GLY A 168 -2.91 16.78 23.44
CA GLY A 168 -2.11 17.87 23.96
C GLY A 168 -1.34 18.64 22.89
N ALA A 169 -0.09 18.95 23.18
CA ALA A 169 0.74 19.75 22.28
C ALA A 169 1.41 18.83 21.27
N ALA A 170 2.35 19.36 20.50
CA ALA A 170 2.91 18.61 19.41
C ALA A 170 3.88 17.54 19.91
N VAL A 171 4.11 16.55 19.05
CA VAL A 171 5.01 15.44 19.33
C VAL A 171 6.07 15.43 18.23
N PRO A 172 7.36 15.41 18.56
CA PRO A 172 8.38 15.22 17.53
C PRO A 172 8.33 13.81 16.99
N PRO A 173 8.52 13.65 15.67
CA PRO A 173 8.23 12.36 15.03
C PRO A 173 9.24 11.27 15.32
N SER A 174 10.34 11.57 16.02
CA SER A 174 11.22 10.49 16.46
C SER A 174 10.54 9.61 17.49
N ALA A 175 9.67 10.19 18.32
CA ALA A 175 8.90 9.38 19.27
C ALA A 175 7.86 8.53 18.56
N ILE A 176 7.26 9.05 17.48
CA ILE A 176 6.27 8.29 16.73
C ILE A 176 6.92 7.12 16.00
N ALA A 177 8.12 7.34 15.45
CA ALA A 177 8.84 6.26 14.79
C ALA A 177 9.36 5.23 15.79
N ALA A 178 9.75 5.68 16.97
CA ALA A 178 10.27 4.75 17.97
C ALA A 178 9.17 3.89 18.58
N ALA A 179 7.93 4.38 18.58
CA ALA A 179 6.81 3.58 19.07
C ALA A 179 6.43 2.50 18.07
N SER A 180 6.72 2.69 16.78
CA SER A 180 6.37 1.68 15.79
C SER A 180 7.33 0.51 15.80
N ILE A 181 8.55 0.72 16.31
CA ILE A 181 9.52 -0.37 16.40
C ILE A 181 9.21 -1.26 17.61
N THR A 182 8.62 -0.68 18.65
CA THR A 182 8.39 -1.41 19.89
C THR A 182 7.34 -2.49 19.72
N GLN A 183 6.22 -2.17 19.06
CA GLN A 183 5.19 -3.15 18.80
C GLN A 183 5.48 -4.01 17.57
N THR A 184 6.66 -3.87 16.97
CA THR A 184 7.06 -4.70 15.84
C THR A 184 7.94 -5.87 16.27
N ASP A 185 9.02 -5.59 17.01
CA ASP A 185 9.93 -6.66 17.40
C ASP A 185 9.31 -7.58 18.44
N ARG A 186 8.41 -7.05 19.26
CA ARG A 186 7.64 -7.90 20.18
C ARG A 186 6.66 -8.78 19.43
N THR A 187 6.06 -8.26 18.35
CA THR A 187 5.07 -9.02 17.60
C THR A 187 5.74 -10.04 16.66
N ARG A 188 6.51 -9.55 15.69
CA ARG A 188 7.10 -10.45 14.69
C ARG A 188 8.48 -9.92 14.29
N GLY A 189 9.49 -10.34 15.03
CA GLY A 189 10.88 -10.19 14.63
C GLY A 189 11.39 -8.78 14.45
N VAL A 190 12.68 -8.67 14.12
CA VAL A 190 13.31 -7.39 13.81
C VAL A 190 13.57 -7.22 12.32
N TRP A 191 13.55 -8.29 11.53
CA TRP A 191 13.80 -8.21 10.10
C TRP A 191 12.63 -7.63 9.32
N LYS A 192 11.47 -7.46 9.95
CA LYS A 192 10.34 -6.81 9.29
C LYS A 192 10.33 -5.33 9.64
N ALA A 193 9.99 -4.51 8.65
CA ALA A 193 10.16 -3.07 8.78
C ALA A 193 9.06 -2.47 9.68
N PRO A 194 9.40 -1.47 10.49
CA PRO A 194 8.35 -0.72 11.19
C PRO A 194 7.55 0.10 10.19
N ALA A 195 6.63 -0.56 9.48
CA ALA A 195 6.18 -0.06 8.19
C ALA A 195 4.67 0.09 8.10
N ASN A 196 3.92 -0.94 8.50
CA ASN A 196 2.47 -0.89 8.41
C ASN A 196 1.77 -1.18 9.74
N GLN A 197 2.52 -1.29 10.84
CA GLN A 197 1.90 -1.42 12.15
C GLN A 197 1.42 -0.05 12.61
N ALA A 198 0.14 0.04 12.97
CA ALA A 198 -0.47 1.33 13.23
C ALA A 198 -0.16 1.81 14.65
N VAL A 199 -0.10 3.12 14.80
CA VAL A 199 0.00 3.75 16.10
C VAL A 199 -1.38 4.29 16.48
N ASN A 200 -1.55 4.65 17.76
CA ASN A 200 -2.86 5.00 18.28
C ASN A 200 -2.76 6.27 19.12
N GLY A 201 -3.73 7.16 18.92
CA GLY A 201 -3.81 8.41 19.66
C GLY A 201 -3.04 9.57 19.06
N VAL A 202 -2.45 9.41 17.88
CA VAL A 202 -1.65 10.45 17.26
C VAL A 202 -2.21 10.72 15.87
N THR A 203 -2.56 11.97 15.60
CA THR A 203 -2.96 12.35 14.26
C THR A 203 -1.91 13.26 13.63
N PRO A 204 -1.58 13.09 12.35
CA PRO A 204 -0.66 14.01 11.70
C PRO A 204 -1.30 15.37 11.50
N ALA A 205 -0.47 16.42 11.58
CA ALA A 205 -1.01 17.77 11.47
C ALA A 205 -1.37 18.13 10.03
N PHE A 206 -0.74 17.49 9.05
CA PHE A 206 -0.91 17.83 7.65
C PHE A 206 -1.49 16.64 6.88
N ALA A 207 -2.03 16.94 5.70
CA ALA A 207 -2.37 15.93 4.70
C ALA A 207 -1.43 16.13 3.52
N VAL A 208 -0.59 15.13 3.24
CA VAL A 208 0.60 15.39 2.44
C VAL A 208 0.28 15.34 0.95
N SER A 209 0.10 14.14 0.39
CA SER A 209 -0.38 13.90 -0.97
C SER A 209 -0.32 12.42 -1.26
N ASP A 210 -0.58 12.05 -2.53
CA ASP A 210 -0.10 10.79 -3.05
C ASP A 210 1.23 10.93 -3.80
N ASP A 211 1.52 12.09 -4.37
CA ASP A 211 2.67 12.26 -5.24
C ASP A 211 3.83 13.05 -4.63
N PHE A 212 3.59 13.81 -3.56
CA PHE A 212 4.68 14.45 -2.83
C PHE A 212 5.59 13.44 -2.15
N GLN A 213 5.09 12.24 -1.89
CA GLN A 213 5.96 11.09 -1.57
C GLN A 213 6.90 10.76 -2.72
N GLY A 214 6.49 11.01 -3.96
CA GLY A 214 7.22 10.48 -5.10
C GLY A 214 8.55 11.16 -5.34
N LYS A 215 8.58 12.50 -5.28
CA LYS A 215 9.82 13.20 -5.58
C LYS A 215 10.81 13.20 -4.42
N TYR A 216 10.40 12.72 -3.24
CA TYR A 216 11.27 12.60 -2.08
C TYR A 216 11.60 11.15 -1.75
N ASN A 217 11.47 10.25 -2.73
CA ASN A 217 11.74 8.83 -2.53
C ASN A 217 13.10 8.42 -3.07
N GLN A 218 13.72 9.25 -3.90
CA GLN A 218 15.04 9.00 -4.45
C GLN A 218 16.04 9.91 -3.75
N GLY A 219 17.32 9.56 -3.85
CA GLY A 219 18.35 10.38 -3.24
C GLY A 219 18.37 10.18 -1.74
N LYS A 220 17.38 10.75 -1.05
CA LYS A 220 17.24 10.54 0.38
C LYS A 220 15.80 10.10 0.69
N ALA A 221 15.44 10.04 1.97
CA ALA A 221 14.44 9.08 2.44
C ALA A 221 13.43 9.71 3.38
N LEU A 222 12.76 10.76 2.90
CA LEU A 222 11.88 11.59 3.75
C LEU A 222 10.95 10.74 4.62
N ASN A 223 10.36 9.68 4.04
CA ASN A 223 9.61 8.67 4.77
C ASN A 223 8.42 9.29 5.53
N MET A 224 7.46 9.76 4.74
CA MET A 224 6.33 10.51 5.29
C MET A 224 5.43 9.63 6.16
N ILE A 225 4.61 10.29 6.96
CA ILE A 225 3.63 9.67 7.84
C ILE A 225 2.25 10.04 7.32
N ARG A 226 1.54 9.09 6.73
CA ARG A 226 0.34 9.37 5.96
C ARG A 226 -0.82 8.52 6.45
N THR A 227 -2.01 9.12 6.48
CA THR A 227 -3.21 8.48 6.98
C THR A 227 -4.07 7.98 5.84
N PHE A 228 -4.46 6.71 5.90
CA PHE A 228 -5.30 6.07 4.90
C PHE A 228 -6.72 5.92 5.44
N SER A 229 -7.61 5.42 4.58
CA SER A 229 -8.95 5.03 5.00
C SER A 229 -8.91 3.62 5.56
N GLY A 230 -9.66 3.40 6.64
CA GLY A 230 -9.59 2.13 7.34
C GLY A 230 -8.49 2.20 8.37
N GLN A 231 -7.33 1.64 8.05
CA GLN A 231 -6.14 1.85 8.87
C GLN A 231 -5.74 3.32 8.81
N GLY A 232 -5.40 3.88 9.97
CA GLY A 232 -5.15 5.31 10.07
C GLY A 232 -3.80 5.61 10.68
N THR A 233 -3.38 6.86 10.47
CA THR A 233 -2.17 7.48 11.00
C THR A 233 -0.95 6.55 11.01
N VAL A 234 -0.84 5.71 9.98
CA VAL A 234 0.22 4.72 9.94
C VAL A 234 1.49 5.37 9.39
N VAL A 235 2.64 4.78 9.72
CA VAL A 235 3.89 5.18 9.10
C VAL A 235 3.93 4.63 7.69
N TRP A 236 4.85 5.11 6.86
CA TRP A 236 4.85 4.74 5.45
C TRP A 236 6.24 4.95 4.86
N GLY A 237 6.86 3.87 4.38
CA GLY A 237 8.19 3.95 3.83
C GLY A 237 9.33 3.72 4.79
N ALA A 238 10.18 2.74 4.49
CA ALA A 238 11.32 2.38 5.34
C ALA A 238 12.55 2.42 4.46
N ARG A 239 13.26 3.56 4.49
CA ARG A 239 14.40 3.81 3.63
C ARG A 239 15.44 4.60 4.41
N THR A 240 16.72 4.26 4.23
CA THR A 240 17.78 4.98 4.91
C THR A 240 18.37 6.02 3.97
N LEU A 241 19.45 6.67 4.39
CA LEU A 241 19.81 7.96 3.81
C LEU A 241 20.49 7.81 2.46
N GLU A 242 21.34 6.80 2.30
CA GLU A 242 21.96 6.55 1.00
C GLU A 242 21.00 5.79 0.09
N ASP A 243 21.31 5.82 -1.20
CA ASP A 243 20.75 4.90 -2.19
C ASP A 243 21.91 4.13 -2.82
N SER A 244 22.36 3.10 -2.12
CA SER A 244 23.21 2.07 -2.69
C SER A 244 22.58 0.70 -2.49
N ASP A 245 22.83 -0.21 -3.44
CA ASP A 245 22.12 -1.48 -3.47
C ASP A 245 22.56 -2.44 -2.39
N ASN A 246 23.57 -2.09 -1.59
CA ASN A 246 23.87 -2.86 -0.38
C ASN A 246 23.13 -2.32 0.84
N TRP A 247 23.08 -1.01 1.01
CA TRP A 247 22.55 -0.39 2.24
C TRP A 247 21.39 0.53 1.87
N ARG A 248 20.22 -0.08 1.69
CA ARG A 248 18.95 0.61 1.83
C ARG A 248 18.08 -0.14 2.83
N TYR A 249 16.79 0.18 2.91
CA TYR A 249 15.81 -0.70 3.54
C TYR A 249 16.13 -0.97 5.00
N ILE A 250 15.84 0.00 5.86
CA ILE A 250 16.11 0.02 7.30
C ILE A 250 16.06 -1.35 8.00
N PRO A 251 15.10 -2.24 7.71
CA PRO A 251 15.18 -3.58 8.32
C PRO A 251 16.37 -4.43 7.89
N VAL A 252 16.95 -4.21 6.70
CA VAL A 252 18.11 -5.02 6.34
C VAL A 252 19.38 -4.47 6.98
N ARG A 253 19.33 -3.22 7.47
CA ARG A 253 20.41 -2.67 8.28
C ARG A 253 20.35 -3.21 9.71
N ARG A 254 19.16 -3.18 10.31
CA ARG A 254 19.01 -3.64 11.69
C ARG A 254 19.18 -5.15 11.81
N LEU A 255 19.05 -5.89 10.71
CA LEU A 255 19.31 -7.32 10.75
C LEU A 255 20.79 -7.59 10.94
N PHE A 256 21.64 -6.93 10.15
CA PHE A 256 23.08 -7.07 10.34
C PHE A 256 23.56 -6.37 11.60
N ASN A 257 22.80 -5.39 12.11
CA ASN A 257 23.20 -4.67 13.30
C ASN A 257 22.99 -5.48 14.56
N ALA A 258 22.03 -6.41 14.55
CA ALA A 258 21.69 -7.21 15.72
C ALA A 258 22.11 -8.67 15.60
N VAL A 259 22.65 -9.09 14.44
CA VAL A 259 23.15 -10.45 14.31
C VAL A 259 24.60 -10.58 14.75
N GLU A 260 25.26 -9.46 15.07
CA GLU A 260 26.64 -9.49 15.52
C GLU A 260 26.84 -9.02 16.95
N ARG A 261 25.90 -8.23 17.51
CA ARG A 261 26.01 -7.81 18.89
C ARG A 261 25.70 -8.92 19.89
N ASP A 262 25.23 -10.08 19.41
CA ASP A 262 25.11 -11.26 20.25
C ASP A 262 26.26 -12.24 20.09
N ILE A 263 26.94 -12.23 18.94
CA ILE A 263 28.15 -13.02 18.78
C ILE A 263 29.33 -12.36 19.48
N GLN A 264 29.45 -11.03 19.34
CA GLN A 264 30.52 -10.31 20.02
C GLN A 264 30.34 -10.33 21.53
N LYS A 265 29.10 -10.41 22.01
CA LYS A 265 28.88 -10.49 23.46
C LYS A 265 29.26 -11.86 24.01
N SER A 266 29.14 -12.91 23.19
CA SER A 266 29.35 -14.27 23.66
C SER A 266 30.81 -14.68 23.59
N LEU A 267 31.53 -14.25 22.55
CA LEU A 267 32.90 -14.66 22.33
C LEU A 267 33.91 -13.99 23.26
N ASN A 268 33.44 -13.16 24.20
CA ASN A 268 34.37 -12.57 25.17
C ASN A 268 34.88 -13.58 26.18
N LYS A 269 34.18 -14.70 26.36
CA LYS A 269 34.64 -15.77 27.23
C LYS A 269 35.38 -16.86 26.47
N LEU A 270 35.73 -16.62 25.20
CA LEU A 270 36.46 -17.60 24.41
C LEU A 270 37.81 -17.07 23.95
N VAL A 271 38.18 -15.84 24.33
CA VAL A 271 39.51 -15.35 24.00
C VAL A 271 40.55 -16.03 24.89
N PHE A 272 41.81 -15.95 24.46
CA PHE A 272 42.94 -16.61 25.12
C PHE A 272 42.78 -18.13 25.16
N GLU A 273 41.92 -18.69 24.29
CA GLU A 273 41.77 -20.13 24.16
C GLU A 273 42.76 -20.65 23.12
N PRO A 274 43.23 -21.89 23.23
CA PRO A 274 44.24 -22.38 22.28
C PRO A 274 43.72 -22.46 20.85
N ASN A 275 44.47 -21.86 19.94
CA ASN A 275 44.11 -21.75 18.52
C ASN A 275 44.48 -23.06 17.82
N SER A 276 43.65 -24.07 18.03
CA SER A 276 43.95 -25.40 17.52
C SER A 276 42.82 -25.98 16.69
N GLN A 277 42.88 -27.27 16.40
CA GLN A 277 41.88 -27.95 15.59
C GLN A 277 40.55 -28.19 16.30
N PRO A 278 40.51 -28.57 17.59
CA PRO A 278 39.20 -28.71 18.24
C PRO A 278 38.49 -27.40 18.51
N THR A 279 39.18 -26.26 18.42
CA THR A 279 38.50 -24.97 18.51
C THR A 279 37.78 -24.63 17.21
N TRP A 280 38.44 -24.91 16.07
CA TRP A 280 37.92 -24.49 14.78
C TRP A 280 36.66 -25.25 14.41
N GLN A 281 36.57 -26.53 14.78
CA GLN A 281 35.38 -27.32 14.53
C GLN A 281 34.28 -27.10 15.57
N ARG A 282 34.51 -26.26 16.59
CA ARG A 282 33.49 -26.00 17.60
C ARG A 282 32.81 -24.65 17.41
N VAL A 283 33.56 -23.63 16.99
CA VAL A 283 32.92 -22.35 16.64
C VAL A 283 32.14 -22.49 15.35
N LYS A 284 32.67 -23.26 14.39
CA LYS A 284 31.95 -23.51 13.14
C LYS A 284 30.67 -24.29 13.37
N ALA A 285 30.63 -25.16 14.38
CA ALA A 285 29.43 -25.92 14.70
C ALA A 285 28.52 -25.21 15.69
N ALA A 286 28.91 -24.04 16.19
CA ALA A 286 28.07 -23.29 17.11
C ALA A 286 27.41 -22.08 16.47
N VAL A 287 28.00 -21.54 15.41
CA VAL A 287 27.43 -20.38 14.74
C VAL A 287 26.29 -20.79 13.83
N ASP A 288 26.49 -21.85 13.03
CA ASP A 288 25.47 -22.28 12.09
C ASP A 288 24.28 -22.93 12.76
N SER A 289 24.41 -23.36 14.02
CA SER A 289 23.25 -23.78 14.79
C SER A 289 22.42 -22.62 15.29
N TYR A 290 22.96 -21.39 15.25
CA TYR A 290 22.16 -20.19 15.52
C TYR A 290 21.51 -19.65 14.26
N LEU A 291 22.21 -19.76 13.11
CA LEU A 291 21.64 -19.32 11.85
C LEU A 291 20.52 -20.25 11.39
N HIS A 292 20.63 -21.55 11.69
CA HIS A 292 19.57 -22.48 11.30
C HIS A 292 18.30 -22.24 12.09
N SER A 293 18.42 -21.76 13.33
CA SER A 293 17.24 -21.33 14.07
C SER A 293 16.68 -20.03 13.52
N LEU A 294 17.49 -19.26 12.80
CA LEU A 294 17.07 -17.98 12.24
C LEU A 294 16.56 -18.11 10.81
N TRP A 295 16.85 -19.23 10.14
CA TRP A 295 16.38 -19.45 8.78
C TRP A 295 14.96 -19.99 8.75
N GLN A 296 14.59 -20.82 9.72
CA GLN A 296 13.23 -21.35 9.77
C GLN A 296 12.22 -20.28 10.18
N GLN A 297 12.67 -19.23 10.86
CA GLN A 297 11.79 -18.17 11.33
C GLN A 297 11.51 -17.13 10.25
N GLY A 298 12.09 -17.29 9.06
CA GLY A 298 11.82 -16.41 7.95
C GLY A 298 12.60 -15.13 7.94
N ALA A 299 13.75 -15.09 8.62
CA ALA A 299 14.52 -13.86 8.73
C ALA A 299 15.37 -13.62 7.48
N LEU A 300 16.01 -14.68 6.98
CA LEU A 300 16.89 -14.60 5.82
C LEU A 300 16.48 -15.69 4.84
N ALA A 301 16.35 -15.33 3.56
CA ALA A 301 15.61 -16.13 2.60
C ALA A 301 16.56 -16.99 1.78
N GLY A 302 16.18 -18.24 1.56
CA GLY A 302 16.83 -19.10 0.60
C GLY A 302 16.57 -20.56 0.85
N ASN A 303 16.33 -21.34 -0.21
CA ASN A 303 16.29 -22.78 -0.06
C ASN A 303 17.71 -23.33 0.03
N THR A 304 17.79 -24.66 0.28
CA THR A 304 19.00 -25.45 0.49
C THR A 304 19.98 -24.69 1.40
N PRO A 305 19.75 -24.71 2.72
CA PRO A 305 20.29 -23.64 3.58
C PRO A 305 21.82 -23.55 3.62
N ALA A 306 22.50 -24.40 2.84
CA ALA A 306 23.88 -24.10 2.47
C ALA A 306 23.98 -22.92 1.52
N ASP A 307 22.90 -22.60 0.79
CA ASP A 307 22.89 -21.43 -0.08
C ASP A 307 22.58 -20.14 0.68
N ALA A 308 21.90 -20.23 1.82
CA ALA A 308 21.45 -19.03 2.53
C ALA A 308 22.61 -18.34 3.25
N TRP A 309 23.52 -19.11 3.82
CA TRP A 309 24.69 -18.56 4.50
C TRP A 309 25.89 -19.44 4.18
N PHE A 310 27.06 -19.03 4.67
CA PHE A 310 28.22 -19.91 4.72
C PHE A 310 29.11 -19.51 5.88
N VAL A 311 29.71 -20.52 6.52
CA VAL A 311 30.69 -20.34 7.58
C VAL A 311 31.91 -21.17 7.24
N GLN A 312 33.09 -20.58 7.39
CA GLN A 312 34.34 -21.29 7.13
C GLN A 312 35.42 -20.81 8.08
N VAL A 313 36.22 -21.76 8.57
CA VAL A 313 37.34 -21.51 9.45
C VAL A 313 38.32 -22.67 9.32
N GLY A 314 39.60 -22.36 9.17
CA GLY A 314 40.57 -23.40 8.89
C GLY A 314 41.99 -22.94 9.12
N LYS A 315 42.92 -23.62 8.45
CA LYS A 315 44.35 -23.34 8.58
C LYS A 315 44.98 -22.73 7.34
N ASP A 316 44.48 -23.07 6.15
CA ASP A 316 45.03 -22.53 4.91
C ASP A 316 44.00 -21.89 3.99
N LEU A 317 42.72 -22.17 4.15
CA LEU A 317 41.71 -21.33 3.50
C LEU A 317 41.72 -19.92 4.07
N THR A 318 41.92 -19.78 5.39
CA THR A 318 42.15 -18.49 6.01
C THR A 318 43.27 -18.60 7.03
N MET A 319 43.81 -17.45 7.43
CA MET A 319 44.77 -17.30 8.52
C MET A 319 45.90 -18.32 8.41
N THR A 320 46.79 -18.06 7.45
CA THR A 320 47.97 -18.89 7.22
C THR A 320 48.94 -18.87 8.40
N GLN A 321 50.04 -19.63 8.25
CA GLN A 321 50.85 -20.04 9.39
C GLN A 321 51.53 -18.87 10.10
N GLU A 322 51.93 -17.84 9.37
CA GLU A 322 52.67 -16.75 10.01
C GLU A 322 51.76 -15.87 10.87
N GLU A 323 50.53 -15.62 10.44
CA GLU A 323 49.63 -14.85 11.29
C GLU A 323 48.95 -15.69 12.37
N ILE A 324 49.12 -17.02 12.32
CA ILE A 324 48.80 -17.83 13.50
C ILE A 324 49.86 -17.63 14.58
N ASN A 325 51.12 -17.44 14.19
CA ASN A 325 52.18 -17.20 15.15
C ASN A 325 52.08 -15.84 15.83
N GLN A 326 51.36 -14.89 15.24
CA GLN A 326 51.06 -13.63 15.90
C GLN A 326 49.84 -13.70 16.79
N GLY A 327 49.14 -14.84 16.82
CA GLY A 327 48.02 -15.05 17.70
C GLY A 327 46.67 -14.84 17.06
N LYS A 328 46.61 -14.25 15.87
CA LYS A 328 45.34 -13.88 15.27
C LYS A 328 44.52 -15.11 14.95
N MET A 329 43.19 -15.00 15.11
CA MET A 329 42.24 -16.03 14.72
C MET A 329 41.13 -15.36 13.93
N ILE A 330 41.26 -15.34 12.60
CA ILE A 330 40.33 -14.60 11.75
C ILE A 330 39.34 -15.58 11.13
N ILE A 331 38.08 -15.16 11.05
CA ILE A 331 37.02 -15.91 10.39
C ILE A 331 36.30 -14.99 9.41
N LYS A 332 35.43 -15.58 8.60
CA LYS A 332 34.50 -14.80 7.80
C LYS A 332 33.24 -15.61 7.56
N ILE A 333 32.09 -14.99 7.80
CA ILE A 333 30.78 -15.57 7.49
C ILE A 333 29.98 -14.59 6.66
N GLY A 334 29.16 -15.12 5.76
CA GLY A 334 28.33 -14.29 4.91
C GLY A 334 26.96 -14.86 4.66
N LEU A 335 25.94 -14.00 4.68
CA LEU A 335 24.56 -14.44 4.64
C LEU A 335 23.72 -13.40 3.89
N ALA A 336 22.63 -13.87 3.29
CA ALA A 336 21.77 -13.03 2.46
C ALA A 336 20.43 -12.86 3.18
N ALA A 337 20.10 -11.63 3.54
CA ALA A 337 18.91 -11.34 4.33
C ALA A 337 17.71 -11.16 3.41
N VAL A 338 16.58 -10.74 3.97
CA VAL A 338 15.39 -10.44 3.20
C VAL A 338 15.27 -8.93 3.02
N ARG A 339 14.47 -8.53 2.05
CA ARG A 339 14.24 -7.13 1.71
C ARG A 339 12.75 -6.90 1.53
N PRO A 340 12.26 -5.71 1.88
CA PRO A 340 10.82 -5.45 1.77
C PRO A 340 10.37 -5.37 0.32
N ALA A 341 9.12 -5.78 0.09
CA ALA A 341 8.51 -5.69 -1.22
C ALA A 341 7.85 -4.33 -1.39
N GLU A 342 8.69 -3.31 -1.54
CA GLU A 342 8.21 -1.93 -1.53
C GLU A 342 7.32 -1.62 -2.72
N PHE A 343 7.60 -2.24 -3.87
CA PHE A 343 6.85 -2.00 -5.10
C PHE A 343 6.22 -3.31 -5.54
N ILE A 344 4.91 -3.29 -5.80
CA ILE A 344 4.19 -4.48 -6.24
C ILE A 344 3.54 -4.16 -7.59
N ILE A 345 4.08 -4.72 -8.66
CA ILE A 345 3.54 -4.54 -10.00
C ILE A 345 2.96 -5.87 -10.45
N LEU A 346 1.88 -5.79 -11.23
CA LEU A 346 1.16 -7.00 -11.63
C LEU A 346 0.67 -6.86 -13.07
N GLN A 347 0.84 -7.92 -13.84
CA GLN A 347 0.66 -7.89 -15.30
C GLN A 347 -0.49 -8.81 -15.68
N PHE A 348 -1.42 -8.29 -16.47
CA PHE A 348 -2.49 -9.09 -17.05
C PHE A 348 -2.13 -9.46 -18.49
N SER A 349 -2.66 -10.60 -18.94
CA SER A 349 -2.44 -11.07 -20.30
C SER A 349 -3.64 -11.91 -20.72
N GLN A 350 -3.52 -12.61 -21.84
CA GLN A 350 -4.55 -13.53 -22.32
C GLN A 350 -3.85 -14.78 -22.84
N ASP A 351 -3.94 -15.87 -22.09
CA ASP A 351 -3.44 -17.16 -22.55
C ASP A 351 -4.19 -18.30 -21.88
N VAL B 4 15.16 -11.26 25.87
CA VAL B 4 13.73 -11.02 25.74
C VAL B 4 12.99 -11.67 26.89
N THR B 5 13.61 -12.71 27.47
CA THR B 5 13.00 -13.49 28.55
C THR B 5 14.01 -13.57 29.69
N SER B 6 13.68 -12.96 30.83
CA SER B 6 14.56 -12.96 32.00
C SER B 6 13.91 -13.64 33.19
N VAL B 7 12.79 -13.12 33.67
CA VAL B 7 12.07 -13.79 34.77
C VAL B 7 11.50 -15.12 34.26
N PRO B 8 11.67 -16.23 34.98
CA PRO B 8 11.32 -17.55 34.42
C PRO B 8 9.84 -17.65 34.05
N GLY B 9 8.97 -17.52 35.04
CA GLY B 9 7.53 -17.36 34.84
C GLY B 9 6.88 -18.27 33.82
N VAL B 10 5.81 -17.78 33.21
CA VAL B 10 5.27 -18.34 31.97
C VAL B 10 4.94 -17.20 31.02
N TYR B 11 5.38 -17.32 29.78
CA TYR B 11 5.20 -16.29 28.78
C TYR B 11 4.14 -16.70 27.75
N ILE B 12 3.42 -15.71 27.25
CA ILE B 12 2.35 -15.92 26.29
C ILE B 12 2.73 -15.23 24.99
N GLU B 13 2.39 -15.85 23.87
CA GLU B 13 2.86 -15.38 22.58
C GLU B 13 1.96 -15.95 21.49
N GLU B 14 1.70 -15.15 20.46
CA GLU B 14 0.86 -15.55 19.34
C GLU B 14 1.61 -15.33 18.03
N ASP B 15 1.14 -15.99 16.99
CA ASP B 15 1.68 -15.82 15.64
C ASP B 15 0.81 -14.83 14.88
N ALA B 16 1.40 -13.72 14.46
CA ALA B 16 0.72 -12.71 13.68
C ALA B 16 1.15 -12.81 12.22
N SER B 17 0.17 -12.69 11.32
CA SER B 17 0.42 -12.80 9.89
C SER B 17 -0.69 -12.06 9.15
N PRO B 18 -0.38 -11.43 8.02
CA PRO B 18 -1.39 -10.65 7.31
C PRO B 18 -2.20 -11.49 6.33
N ALA B 19 -2.27 -12.79 6.58
CA ALA B 19 -2.88 -13.73 5.65
C ALA B 19 -4.27 -13.26 5.23
N MET B 20 -4.51 -13.26 3.92
CA MET B 20 -5.55 -12.44 3.31
C MET B 20 -6.34 -13.26 2.31
N SER B 21 -7.55 -12.79 2.01
CA SER B 21 -8.32 -13.31 0.89
C SER B 21 -9.03 -12.15 0.21
N VAL B 22 -9.60 -12.43 -0.94
CA VAL B 22 -10.16 -11.41 -1.83
C VAL B 22 -11.66 -11.64 -1.97
N SER B 23 -12.44 -10.58 -1.80
CA SER B 23 -13.88 -10.63 -1.99
C SER B 23 -14.31 -9.49 -2.90
N ALA B 24 -15.41 -9.71 -3.61
CA ALA B 24 -15.79 -8.86 -4.72
C ALA B 24 -16.75 -7.77 -4.26
N SER B 25 -16.63 -6.60 -4.88
CA SER B 25 -17.60 -5.52 -4.71
C SER B 25 -18.50 -5.44 -5.93
N ALA B 26 -19.32 -4.40 -6.00
CA ALA B 26 -20.27 -4.21 -7.08
C ALA B 26 -19.75 -3.22 -8.11
N THR B 27 -20.21 -3.39 -9.34
CA THR B 27 -19.82 -2.54 -10.47
C THR B 27 -21.03 -1.71 -10.88
N ALA B 28 -21.25 -0.62 -10.14
CA ALA B 28 -22.50 0.14 -10.27
C ALA B 28 -22.27 1.52 -9.67
N VAL B 29 -23.37 2.17 -9.29
CA VAL B 29 -23.44 3.43 -8.52
C VAL B 29 -22.47 4.46 -9.10
N PRO B 30 -22.86 5.13 -10.20
CA PRO B 30 -22.00 6.18 -10.76
C PRO B 30 -22.19 7.52 -10.05
N LEU B 31 -21.62 8.59 -10.60
CA LEU B 31 -21.99 9.94 -10.23
C LEU B 31 -22.40 10.73 -11.48
N PHE B 32 -23.25 11.72 -11.28
CA PHE B 32 -23.78 12.56 -12.34
C PHE B 32 -23.30 13.99 -12.15
N VAL B 33 -22.92 14.64 -13.25
CA VAL B 33 -22.29 15.95 -13.15
C VAL B 33 -23.15 17.00 -13.84
N ALA B 34 -24.47 16.81 -13.81
CA ALA B 34 -25.39 17.79 -14.37
C ALA B 34 -25.59 18.92 -13.36
N ARG B 35 -26.38 19.92 -13.77
CA ARG B 35 -26.67 21.06 -12.91
C ARG B 35 -27.93 20.79 -12.09
N PHE B 36 -27.92 21.25 -10.84
CA PHE B 36 -29.03 21.03 -9.93
C PHE B 36 -29.32 22.34 -9.20
N THR B 37 -30.22 22.28 -8.22
CA THR B 37 -30.49 23.40 -7.33
C THR B 37 -30.45 22.89 -5.89
N PRO B 38 -29.32 23.02 -5.20
CA PRO B 38 -29.27 22.58 -3.81
C PRO B 38 -30.02 23.52 -2.88
N LEU B 39 -30.35 23.01 -1.69
CA LEU B 39 -31.17 23.73 -0.73
C LEU B 39 -30.33 24.40 0.36
N LYS B 40 -29.13 23.89 0.61
CA LYS B 40 -28.25 24.39 1.65
C LYS B 40 -26.90 24.73 1.04
N PRO B 41 -26.22 25.76 1.56
CA PRO B 41 -25.00 26.25 0.89
C PRO B 41 -23.82 25.29 0.95
N GLU B 42 -23.81 24.35 1.90
CA GLU B 42 -22.74 23.36 1.94
C GLU B 42 -22.92 22.26 0.90
N LEU B 43 -24.08 22.18 0.26
CA LEU B 43 -24.31 21.25 -0.85
C LEU B 43 -23.99 21.87 -2.21
N ALA B 44 -23.08 22.84 -2.27
CA ALA B 44 -22.82 23.56 -3.50
C ALA B 44 -21.83 22.86 -4.41
N GLY B 45 -20.71 22.39 -3.86
CA GLY B 45 -19.65 21.85 -4.68
C GLY B 45 -18.96 20.61 -4.14
N VAL B 46 -19.69 19.75 -3.43
CA VAL B 46 -19.10 18.56 -2.83
C VAL B 46 -19.94 17.35 -3.22
N ILE B 47 -19.27 16.19 -3.31
CA ILE B 47 -19.94 14.96 -3.70
C ILE B 47 -20.88 14.51 -2.59
N THR B 48 -22.09 14.10 -2.97
CA THR B 48 -23.12 13.75 -2.01
C THR B 48 -23.72 12.40 -2.38
N ARG B 49 -23.84 11.52 -1.40
CA ARG B 49 -24.42 10.20 -1.63
C ARG B 49 -25.94 10.25 -1.54
N ILE B 50 -26.60 9.73 -2.57
CA ILE B 50 -28.05 9.67 -2.61
C ILE B 50 -28.45 8.20 -2.62
N GLY B 51 -29.34 7.82 -1.70
CA GLY B 51 -29.69 6.43 -1.55
C GLY B 51 -30.86 5.96 -2.40
N SER B 52 -31.82 6.84 -2.61
CA SER B 52 -33.05 6.48 -3.31
C SER B 52 -33.65 7.75 -3.92
N TRP B 53 -34.92 7.67 -4.32
CA TRP B 53 -35.65 8.85 -4.77
C TRP B 53 -36.24 9.63 -3.61
N LEU B 54 -36.43 8.98 -2.44
CA LEU B 54 -37.03 9.65 -1.30
C LEU B 54 -36.11 10.72 -0.74
N ASP B 55 -34.85 10.36 -0.44
CA ASP B 55 -33.92 11.31 0.15
C ASP B 55 -33.42 12.34 -0.85
N TYR B 56 -33.63 12.12 -2.15
CA TYR B 56 -33.35 13.18 -3.11
C TYR B 56 -34.36 14.32 -2.98
N THR B 57 -35.62 13.99 -2.67
CA THR B 57 -36.65 15.01 -2.50
C THR B 57 -36.46 15.81 -1.21
N ILE B 58 -35.70 15.29 -0.25
CA ILE B 58 -35.43 16.02 0.98
C ILE B 58 -34.31 17.03 0.77
N LEU B 59 -33.19 16.59 0.20
CA LEU B 59 -32.04 17.46 0.05
C LEU B 59 -32.24 18.46 -1.09
N PHE B 60 -32.79 18.01 -2.22
CA PHE B 60 -32.98 18.83 -3.39
C PHE B 60 -34.47 19.06 -3.63
N ASP B 61 -34.80 19.66 -4.77
CA ASP B 61 -36.17 20.07 -5.05
C ASP B 61 -36.49 19.82 -6.52
N SER B 62 -37.77 19.87 -6.84
CA SER B 62 -38.26 19.83 -8.22
C SER B 62 -38.82 21.20 -8.58
N ASN B 63 -38.25 21.82 -9.60
CA ASN B 63 -38.57 23.20 -9.96
C ASN B 63 -39.56 23.21 -11.11
N VAL B 64 -39.99 24.43 -11.48
CA VAL B 64 -40.89 24.62 -12.61
C VAL B 64 -40.33 25.74 -13.49
N PRO B 65 -40.21 25.53 -14.81
CA PRO B 65 -39.65 26.55 -15.71
C PRO B 65 -40.59 27.73 -15.91
N PRO B 109 -34.85 22.50 -17.14
CA PRO B 109 -35.48 21.81 -16.01
C PRO B 109 -35.64 20.30 -16.26
N THR B 110 -34.57 19.67 -16.73
CA THR B 110 -34.61 18.27 -17.12
C THR B 110 -33.80 17.38 -16.19
N ALA B 111 -33.09 17.95 -15.22
CA ALA B 111 -32.26 17.14 -14.32
C ALA B 111 -33.11 16.34 -13.35
N SER B 112 -34.25 16.89 -12.89
CA SER B 112 -35.13 16.13 -12.03
C SER B 112 -35.91 15.07 -12.78
N VAL B 113 -36.12 15.25 -14.08
CA VAL B 113 -36.84 14.26 -14.87
C VAL B 113 -35.91 13.11 -15.28
N ALA B 114 -34.68 13.45 -15.65
CA ALA B 114 -33.73 12.44 -16.11
C ALA B 114 -33.21 11.55 -14.98
N LEU B 115 -33.32 12.00 -13.74
CA LEU B 115 -32.79 11.25 -12.61
C LEU B 115 -33.79 10.27 -12.02
N ARG B 116 -35.10 10.55 -12.12
CA ARG B 116 -36.10 9.62 -11.64
C ARG B 116 -36.29 8.43 -12.57
N LEU B 117 -35.94 8.58 -13.85
CA LEU B 117 -35.93 7.45 -14.77
C LEU B 117 -34.79 6.48 -14.49
N TYR B 118 -33.75 6.93 -13.78
CA TYR B 118 -32.69 6.02 -13.36
C TYR B 118 -33.19 4.98 -12.37
N PHE B 119 -34.05 5.40 -11.44
CA PHE B 119 -34.51 4.47 -10.41
C PHE B 119 -35.60 3.52 -10.90
N GLN B 120 -36.37 3.93 -11.91
CA GLN B 120 -37.41 3.06 -12.44
C GLN B 120 -36.82 1.89 -13.21
N ASN B 121 -35.63 2.06 -13.78
CA ASN B 121 -34.98 0.97 -14.51
C ASN B 121 -34.27 0.03 -13.56
N GLY B 122 -33.27 0.52 -12.85
CA GLY B 122 -32.51 -0.29 -11.91
C GLY B 122 -32.25 0.49 -10.64
N GLY B 123 -32.14 -0.25 -9.53
CA GLY B 123 -31.99 0.38 -8.25
C GLY B 123 -30.57 0.84 -7.95
N GLY B 124 -30.11 0.66 -6.72
CA GLY B 124 -28.78 1.04 -6.34
C GLY B 124 -28.69 2.51 -6.02
N PRO B 125 -27.77 2.89 -5.15
CA PRO B 125 -27.54 4.32 -4.87
C PRO B 125 -26.79 4.98 -6.03
N CYS B 126 -26.67 6.29 -5.94
CA CYS B 126 -25.91 7.06 -6.92
C CYS B 126 -25.40 8.34 -6.27
N TYR B 127 -24.38 8.92 -6.89
CA TYR B 127 -23.83 10.21 -6.47
C TYR B 127 -24.24 11.29 -7.46
N LEU B 128 -23.98 12.54 -7.09
CA LEU B 128 -24.21 13.66 -7.99
C LEU B 128 -23.31 14.82 -7.58
N TYR B 129 -22.80 15.54 -8.58
CA TYR B 129 -21.90 16.68 -8.36
C TYR B 129 -22.49 17.90 -9.04
N PRO B 130 -23.16 18.78 -8.30
CA PRO B 130 -23.78 19.96 -8.92
C PRO B 130 -22.76 21.05 -9.21
N LEU B 131 -22.79 21.55 -10.44
CA LEU B 131 -22.03 22.72 -10.84
C LEU B 131 -22.89 23.55 -11.79
N GLU B 132 -22.64 24.86 -11.80
CA GLU B 132 -23.57 25.80 -12.44
C GLU B 132 -23.09 26.32 -13.78
N LYS B 133 -21.80 26.64 -13.93
CA LYS B 133 -21.30 27.26 -15.14
C LYS B 133 -20.42 26.27 -15.90
N ALA B 134 -20.64 26.18 -17.21
CA ALA B 134 -19.94 25.19 -18.03
C ALA B 134 -18.44 25.48 -18.10
N ASP B 135 -18.07 26.75 -18.23
CA ASP B 135 -16.67 27.13 -18.38
C ASP B 135 -16.02 27.48 -17.05
N ASP B 136 -16.66 27.16 -15.93
CA ASP B 136 -16.08 27.38 -14.60
C ASP B 136 -15.04 26.30 -14.36
N ASN B 137 -13.82 26.56 -14.83
CA ASN B 137 -12.73 25.58 -14.76
C ASN B 137 -12.04 25.55 -13.40
N GLY B 138 -12.57 26.28 -12.42
CA GLY B 138 -12.12 26.16 -11.05
C GLY B 138 -12.48 24.80 -10.46
N PRO B 139 -13.77 24.56 -10.25
CA PRO B 139 -14.20 23.24 -9.76
C PRO B 139 -14.04 22.12 -10.77
N LEU B 140 -13.96 22.43 -12.07
CA LEU B 140 -13.71 21.38 -13.06
C LEU B 140 -12.29 20.84 -12.95
N ALA B 141 -11.32 21.71 -12.65
CA ALA B 141 -9.99 21.22 -12.33
C ALA B 141 -9.97 20.57 -10.95
N ALA B 142 -10.83 21.02 -10.04
CA ALA B 142 -10.96 20.43 -8.71
C ALA B 142 -11.90 19.25 -8.67
N LEU B 143 -12.34 18.77 -9.83
CA LEU B 143 -13.19 17.57 -9.90
C LEU B 143 -12.41 16.26 -9.78
N PRO B 144 -11.33 16.05 -10.55
CA PRO B 144 -10.72 14.71 -10.54
C PRO B 144 -9.98 14.36 -9.26
N ASP B 145 -9.60 15.35 -8.45
CA ASP B 145 -9.02 15.05 -7.14
C ASP B 145 -10.07 14.92 -6.04
N LEU B 146 -11.35 14.91 -6.39
CA LEU B 146 -12.39 14.49 -5.45
C LEU B 146 -12.92 13.09 -5.72
N ILE B 147 -12.74 12.58 -6.93
CA ILE B 147 -13.27 11.25 -7.26
C ILE B 147 -12.39 10.16 -6.67
N ASP B 148 -11.09 10.45 -6.49
CA ASP B 148 -10.14 9.44 -6.05
C ASP B 148 -10.28 9.10 -4.57
N GLU B 149 -10.73 10.07 -3.76
CA GLU B 149 -10.82 9.80 -2.32
C GLU B 149 -11.97 8.88 -1.97
N VAL B 150 -13.02 8.85 -2.78
CA VAL B 150 -14.05 7.82 -2.67
C VAL B 150 -13.63 6.64 -3.52
N GLY B 151 -13.50 5.47 -2.90
CA GLY B 151 -12.85 4.35 -3.56
C GLY B 151 -13.68 3.57 -4.55
N GLU B 152 -14.96 3.89 -4.72
CA GLU B 152 -15.88 2.97 -5.38
C GLU B 152 -16.11 3.30 -6.85
N ILE B 153 -16.08 4.58 -7.21
CA ILE B 153 -16.63 5.11 -8.47
C ILE B 153 -16.23 4.24 -9.65
N THR B 154 -17.23 3.77 -10.41
CA THR B 154 -16.98 2.92 -11.56
C THR B 154 -17.42 3.57 -12.87
N LEU B 155 -18.69 3.97 -12.98
CA LEU B 155 -19.21 4.56 -14.21
C LEU B 155 -19.22 6.08 -14.12
N LEU B 156 -19.43 6.70 -15.28
CA LEU B 156 -19.43 8.15 -15.41
C LEU B 156 -20.46 8.54 -16.47
N ALA B 157 -21.20 9.60 -16.20
CA ALA B 157 -22.27 10.01 -17.11
C ALA B 157 -22.57 11.49 -16.92
N SER B 158 -23.40 12.02 -17.81
CA SER B 158 -23.86 13.40 -17.75
C SER B 158 -25.21 13.52 -18.44
N PRO B 159 -26.30 13.71 -17.69
CA PRO B 159 -27.63 13.79 -18.30
C PRO B 159 -28.01 15.16 -18.84
N ASP B 160 -27.07 16.08 -18.98
CA ASP B 160 -27.44 17.42 -19.43
C ASP B 160 -27.70 17.42 -20.94
N PRO B 161 -28.72 18.16 -21.39
CA PRO B 161 -29.13 18.05 -22.81
C PRO B 161 -28.14 18.58 -23.84
N ASP B 162 -27.65 19.80 -23.68
CA ASP B 162 -26.97 20.46 -24.80
C ASP B 162 -25.53 19.97 -24.92
N GLU B 163 -24.89 20.42 -26.01
CA GLU B 163 -23.56 19.95 -26.39
C GLU B 163 -22.43 20.77 -25.77
N THR B 164 -22.64 22.07 -25.56
CA THR B 164 -21.58 22.91 -25.02
C THR B 164 -21.26 22.59 -23.57
N TYR B 165 -22.25 22.09 -22.82
CA TYR B 165 -22.01 21.71 -21.44
C TYR B 165 -21.37 20.33 -21.32
N ARG B 166 -21.79 19.39 -22.18
CA ARG B 166 -21.28 18.02 -22.05
C ARG B 166 -19.84 17.92 -22.52
N THR B 167 -19.49 18.54 -23.65
CA THR B 167 -18.14 18.46 -24.16
C THR B 167 -17.13 19.24 -23.32
N ALA B 168 -17.60 20.23 -22.54
CA ALA B 168 -16.72 20.85 -21.56
C ALA B 168 -16.42 19.91 -20.40
N VAL B 169 -17.36 19.02 -20.07
CA VAL B 169 -17.12 18.06 -19.00
C VAL B 169 -16.23 16.92 -19.48
N TYR B 170 -16.54 16.38 -20.66
CA TYR B 170 -15.87 15.17 -21.14
C TYR B 170 -14.37 15.38 -21.36
N GLY B 171 -13.96 16.62 -21.64
CA GLY B 171 -12.55 16.93 -21.75
C GLY B 171 -11.89 17.26 -20.44
N ALA B 172 -12.68 17.54 -19.40
CA ALA B 172 -12.12 17.92 -18.11
C ALA B 172 -11.53 16.71 -17.39
N LEU B 173 -12.19 15.56 -17.46
CA LEU B 173 -11.74 14.35 -16.78
C LEU B 173 -11.29 13.28 -17.77
N ALA B 174 -11.00 13.66 -19.02
CA ALA B 174 -10.47 12.72 -19.98
C ALA B 174 -9.06 12.24 -19.64
N ALA B 175 -8.29 13.03 -18.89
CA ALA B 175 -6.95 12.60 -18.52
C ALA B 175 -6.96 11.52 -17.45
N SER B 176 -8.04 11.41 -16.67
CA SER B 176 -8.10 10.51 -15.53
C SER B 176 -8.57 9.11 -15.92
N LEU B 177 -8.43 8.75 -17.20
CA LEU B 177 -8.86 7.45 -17.69
C LEU B 177 -7.72 6.49 -18.00
N ASP B 178 -6.47 6.97 -18.03
CA ASP B 178 -5.38 6.21 -18.61
C ASP B 178 -4.29 5.84 -17.61
N GLN B 179 -4.49 6.11 -16.33
CA GLN B 179 -3.63 5.57 -15.28
C GLN B 179 -4.24 4.34 -14.61
N HIS B 180 -5.24 3.72 -15.24
CA HIS B 180 -5.64 2.36 -14.92
C HIS B 180 -6.20 2.21 -13.50
N LYS B 181 -6.93 3.21 -13.02
CA LYS B 181 -7.57 3.07 -11.73
C LYS B 181 -8.94 2.39 -11.81
N GLY B 182 -9.57 2.38 -12.98
CA GLY B 182 -10.75 1.57 -13.19
C GLY B 182 -12.04 2.27 -13.59
N TYR B 183 -11.96 3.33 -14.40
CA TYR B 183 -13.16 4.05 -14.78
C TYR B 183 -13.71 3.55 -16.11
N PHE B 184 -14.97 3.90 -16.37
CA PHE B 184 -15.65 3.53 -17.61
C PHE B 184 -16.82 4.49 -17.80
N LEU B 185 -16.65 5.48 -18.66
CA LEU B 185 -17.67 6.51 -18.83
C LEU B 185 -18.61 6.16 -19.99
N LEU B 186 -19.69 6.93 -20.08
CA LEU B 186 -20.67 6.81 -21.14
C LEU B 186 -20.78 8.13 -21.88
N ALA B 187 -21.26 8.08 -23.13
CA ALA B 187 -21.32 9.28 -23.94
C ALA B 187 -22.45 9.15 -24.95
N ASP B 188 -22.89 10.29 -25.47
CA ASP B 188 -23.92 10.38 -26.49
C ASP B 188 -23.37 11.12 -27.70
N SER B 189 -24.05 10.96 -28.83
CA SER B 189 -23.61 11.50 -30.10
C SER B 189 -24.62 12.55 -30.57
N VAL B 190 -24.11 13.70 -31.02
CA VAL B 190 -25.01 14.77 -31.44
C VAL B 190 -25.62 14.47 -32.79
N ASN B 191 -24.90 13.75 -33.65
CA ASN B 191 -25.45 13.27 -34.92
C ASN B 191 -24.73 11.99 -35.30
N GLY B 192 -24.78 11.64 -36.58
CA GLY B 192 -24.55 10.27 -37.04
C GLY B 192 -23.16 9.73 -36.78
N ASP B 193 -22.24 10.54 -36.28
CA ASP B 193 -20.88 10.11 -36.01
C ASP B 193 -20.52 10.38 -34.56
N ALA B 194 -19.41 9.77 -34.12
CA ALA B 194 -19.04 9.77 -32.73
C ALA B 194 -18.52 11.15 -32.32
N PRO B 195 -18.59 11.47 -31.02
CA PRO B 195 -17.98 12.71 -30.54
C PRO B 195 -16.46 12.61 -30.51
N SER B 196 -15.80 13.77 -30.60
CA SER B 196 -14.36 13.85 -30.75
C SER B 196 -13.67 14.38 -29.51
N ALA B 197 -14.39 14.56 -28.40
CA ALA B 197 -13.75 14.99 -27.16
C ALA B 197 -12.90 13.88 -26.56
N VAL B 198 -13.35 12.63 -26.70
CA VAL B 198 -12.52 11.46 -26.41
C VAL B 198 -12.44 10.67 -27.70
N GLY B 199 -11.30 10.78 -28.40
CA GLY B 199 -11.19 10.24 -29.73
C GLY B 199 -11.17 8.73 -29.79
N GLY B 200 -10.07 8.12 -29.36
CA GLY B 200 -9.98 6.67 -29.33
C GLY B 200 -9.51 6.10 -28.01
N SER B 201 -10.39 5.38 -27.32
CA SER B 201 -10.06 4.82 -26.02
C SER B 201 -10.76 3.49 -25.84
N ALA B 202 -10.22 2.66 -24.96
CA ALA B 202 -10.80 1.36 -24.68
C ALA B 202 -12.03 1.44 -23.78
N GLN B 203 -12.21 2.54 -23.05
CA GLN B 203 -13.36 2.73 -22.16
C GLN B 203 -14.12 3.97 -22.60
N VAL B 204 -14.95 3.81 -23.63
CA VAL B 204 -16.15 4.63 -23.84
C VAL B 204 -17.25 3.74 -24.39
N ALA B 205 -18.44 4.33 -24.52
CA ALA B 205 -19.57 3.68 -25.16
C ALA B 205 -20.55 4.75 -25.61
N VAL B 206 -20.96 4.69 -26.87
CA VAL B 206 -21.81 5.72 -27.47
C VAL B 206 -23.15 5.10 -27.84
N TYR B 207 -24.24 5.75 -27.40
CA TYR B 207 -25.61 5.34 -27.71
C TYR B 207 -26.23 6.45 -28.53
N TYR B 208 -26.52 6.16 -29.80
CA TYR B 208 -26.74 7.23 -30.76
C TYR B 208 -28.08 7.95 -30.55
N PRO B 209 -29.24 7.30 -30.74
CA PRO B 209 -30.47 8.10 -30.87
C PRO B 209 -31.01 8.51 -29.51
N ASN B 210 -31.29 9.80 -29.36
CA ASN B 210 -31.79 10.32 -28.10
C ASN B 210 -33.26 9.98 -27.92
N VAL B 211 -33.68 9.90 -26.66
CA VAL B 211 -35.00 9.39 -26.30
C VAL B 211 -35.82 10.53 -25.74
N GLU B 212 -37.10 10.57 -26.10
CA GLU B 212 -37.99 11.61 -25.61
C GLU B 212 -38.92 11.04 -24.54
N VAL B 213 -39.65 11.95 -23.89
CA VAL B 213 -40.49 11.59 -22.74
C VAL B 213 -41.60 12.62 -22.61
N PRO B 214 -42.84 12.22 -22.35
CA PRO B 214 -43.94 13.19 -22.31
C PRO B 214 -43.90 13.99 -21.01
N HIS B 215 -44.22 15.29 -21.13
CA HIS B 215 -44.23 16.18 -19.98
C HIS B 215 -45.09 17.39 -20.31
N THR B 216 -45.76 17.90 -19.29
CA THR B 216 -46.61 19.08 -19.44
C THR B 216 -45.79 20.37 -19.40
N ALA B 264 -45.88 19.75 -25.33
CA ALA B 264 -44.85 19.17 -26.17
C ALA B 264 -43.90 18.29 -25.35
N PRO B 265 -43.66 17.07 -25.81
CA PRO B 265 -42.73 16.19 -25.10
C PRO B 265 -41.29 16.60 -25.33
N LEU B 266 -40.51 16.59 -24.25
CA LEU B 266 -39.12 17.06 -24.28
C LEU B 266 -38.17 15.91 -24.56
N SER B 267 -37.13 16.18 -25.33
CA SER B 267 -36.12 15.18 -25.62
C SER B 267 -35.16 15.04 -24.44
N LEU B 268 -34.34 13.99 -24.48
CA LEU B 268 -33.46 13.65 -23.38
C LEU B 268 -32.29 12.81 -23.89
N PRO B 269 -31.05 13.21 -23.62
CA PRO B 269 -29.90 12.39 -24.02
C PRO B 269 -29.81 11.12 -23.20
N PRO B 270 -29.73 9.96 -23.84
CA PRO B 270 -29.99 8.70 -23.15
C PRO B 270 -28.87 8.21 -22.25
N SER B 271 -27.86 9.04 -21.97
CA SER B 271 -26.76 8.61 -21.12
C SER B 271 -27.16 8.51 -19.65
N ALA B 272 -28.32 9.04 -19.28
CA ALA B 272 -28.78 8.95 -17.89
C ALA B 272 -29.41 7.60 -17.60
N LEU B 273 -30.45 7.24 -18.35
CA LEU B 273 -31.22 6.04 -18.04
C LEU B 273 -30.54 4.76 -18.51
N ILE B 274 -29.49 4.86 -19.33
CA ILE B 274 -28.72 3.68 -19.72
C ILE B 274 -27.73 3.26 -18.65
N ALA B 275 -27.47 4.11 -17.65
CA ALA B 275 -26.65 3.71 -16.52
C ALA B 275 -27.41 2.78 -15.58
N GLY B 276 -28.73 2.93 -15.50
CA GLY B 276 -29.53 2.07 -14.63
C GLY B 276 -29.69 0.66 -15.14
N VAL B 277 -29.55 0.45 -16.45
CA VAL B 277 -29.70 -0.88 -17.03
C VAL B 277 -28.45 -1.72 -16.88
N TYR B 278 -27.32 -1.10 -16.55
CA TYR B 278 -26.15 -1.86 -16.10
C TYR B 278 -26.30 -2.35 -14.67
N GLY B 279 -27.24 -1.80 -13.90
CA GLY B 279 -27.48 -2.23 -12.54
C GLY B 279 -28.38 -3.44 -12.40
N LYS B 280 -29.09 -3.83 -13.45
CA LYS B 280 -29.87 -5.06 -13.45
C LYS B 280 -29.08 -6.25 -13.97
N THR B 281 -28.23 -6.04 -14.98
CA THR B 281 -27.53 -7.17 -15.60
C THR B 281 -26.51 -7.77 -14.65
N ASP B 282 -25.80 -6.94 -13.88
CA ASP B 282 -24.87 -7.46 -12.88
C ASP B 282 -25.57 -8.05 -11.67
N GLY B 283 -26.87 -7.79 -11.50
CA GLY B 283 -27.61 -8.40 -10.40
C GLY B 283 -27.81 -9.89 -10.55
N GLU B 284 -28.58 -10.31 -11.57
CA GLU B 284 -28.88 -11.72 -11.72
C GLU B 284 -27.88 -12.44 -12.62
N ARG B 285 -27.45 -11.80 -13.71
CA ARG B 285 -26.61 -12.47 -14.69
C ARG B 285 -25.12 -12.27 -14.43
N GLY B 286 -24.76 -11.15 -13.82
CA GLY B 286 -23.37 -10.85 -13.52
C GLY B 286 -22.79 -9.81 -14.47
N VAL B 287 -21.47 -9.66 -14.37
CA VAL B 287 -20.76 -8.68 -15.17
C VAL B 287 -20.59 -9.16 -16.61
N TRP B 288 -20.33 -10.45 -16.78
CA TRP B 288 -19.87 -11.02 -18.05
C TRP B 288 -20.99 -11.24 -19.06
N LYS B 289 -22.17 -10.66 -18.86
CA LYS B 289 -23.25 -10.73 -19.84
C LYS B 289 -23.48 -9.35 -20.44
N ALA B 290 -23.45 -9.29 -21.77
CA ALA B 290 -23.65 -8.03 -22.47
C ALA B 290 -25.12 -7.60 -22.39
N PRO B 291 -25.42 -6.40 -21.90
CA PRO B 291 -26.83 -5.98 -21.83
C PRO B 291 -27.34 -5.54 -23.20
N ALA B 292 -28.09 -6.43 -23.86
CA ALA B 292 -28.74 -6.07 -25.11
C ALA B 292 -30.23 -6.40 -25.06
N ASN B 293 -30.58 -7.62 -24.67
CA ASN B 293 -31.97 -8.05 -24.70
C ASN B 293 -32.79 -7.46 -23.56
N VAL B 294 -32.16 -6.69 -22.67
CA VAL B 294 -32.87 -6.00 -21.61
C VAL B 294 -33.74 -4.91 -22.21
N VAL B 295 -34.93 -4.73 -21.64
CA VAL B 295 -35.96 -3.87 -22.22
C VAL B 295 -36.01 -2.58 -21.43
N LEU B 296 -36.03 -1.45 -22.14
CA LEU B 296 -36.11 -0.16 -21.48
C LEU B 296 -37.46 0.01 -20.80
N ASN B 297 -37.45 0.46 -19.55
CA ASN B 297 -38.62 0.41 -18.69
C ASN B 297 -39.21 1.81 -18.60
N GLY B 298 -40.09 2.13 -19.54
CA GLY B 298 -40.93 3.31 -19.46
C GLY B 298 -40.48 4.46 -20.33
N VAL B 299 -40.99 4.49 -21.56
CA VAL B 299 -40.66 5.51 -22.55
C VAL B 299 -41.77 5.50 -23.59
N SER B 300 -41.92 6.62 -24.31
CA SER B 300 -42.90 6.65 -25.39
C SER B 300 -42.32 6.10 -26.69
N ASP B 301 -41.31 6.77 -27.24
CA ASP B 301 -40.79 6.44 -28.55
C ASP B 301 -39.44 7.10 -28.73
N VAL B 302 -38.67 6.60 -29.70
CA VAL B 302 -37.39 7.25 -30.03
C VAL B 302 -37.66 8.55 -30.77
N SER B 303 -36.63 9.39 -30.86
CA SER B 303 -36.80 10.67 -31.55
C SER B 303 -36.78 10.49 -33.05
N VAL B 304 -35.82 9.75 -33.57
CA VAL B 304 -35.72 9.42 -35.00
C VAL B 304 -35.74 7.91 -35.14
N ARG B 305 -36.50 7.42 -36.13
CA ARG B 305 -36.69 5.99 -36.31
C ARG B 305 -35.60 5.46 -37.22
N VAL B 306 -34.77 4.55 -36.70
CA VAL B 306 -33.67 3.97 -37.46
C VAL B 306 -34.13 2.64 -38.04
N THR B 307 -33.63 2.33 -39.24
CA THR B 307 -33.96 1.10 -39.95
C THR B 307 -32.70 0.28 -40.20
N ASN B 308 -32.90 -0.92 -40.72
CA ASN B 308 -31.83 -1.92 -40.79
C ASN B 308 -30.77 -1.58 -41.83
N GLU B 309 -31.11 -0.78 -42.85
CA GLU B 309 -30.16 -0.52 -43.93
C GLU B 309 -29.11 0.52 -43.58
N GLN B 310 -29.34 1.36 -42.58
CA GLN B 310 -28.30 2.20 -42.01
C GLN B 310 -27.83 1.70 -40.64
N GLN B 311 -28.44 0.63 -40.12
CA GLN B 311 -27.79 -0.14 -39.06
C GLN B 311 -26.50 -0.78 -39.56
N ALA B 312 -26.45 -1.16 -40.83
CA ALA B 312 -25.25 -1.79 -41.39
C ALA B 312 -24.06 -0.84 -41.39
N GLU B 313 -24.31 0.46 -41.50
CA GLU B 313 -23.22 1.43 -41.55
C GLU B 313 -22.74 1.83 -40.16
N LEU B 314 -23.66 1.92 -39.20
CA LEU B 314 -23.36 2.43 -37.86
C LEU B 314 -22.86 1.35 -36.91
N ASN B 315 -22.93 0.07 -37.28
CA ASN B 315 -22.50 -0.99 -36.38
C ASN B 315 -20.99 -1.22 -36.47
N PRO B 316 -20.37 -1.01 -37.65
CA PRO B 316 -18.94 -0.64 -37.64
C PRO B 316 -18.73 0.79 -37.17
N LYS B 317 -17.48 1.25 -37.15
CA LYS B 317 -17.04 2.44 -36.40
C LYS B 317 -17.73 2.50 -35.04
N GLY B 318 -17.54 1.42 -34.28
CA GLY B 318 -18.53 0.90 -33.35
C GLY B 318 -19.18 1.89 -32.40
N ILE B 319 -20.46 2.17 -32.68
CA ILE B 319 -21.34 2.93 -31.80
C ILE B 319 -22.63 2.13 -31.70
N ASN B 320 -23.30 2.24 -30.54
CA ASN B 320 -24.47 1.39 -30.33
C ASN B 320 -25.73 2.15 -30.78
N VAL B 321 -26.89 1.56 -30.52
CA VAL B 321 -28.14 2.04 -31.11
C VAL B 321 -29.29 1.61 -30.23
N ILE B 322 -30.26 2.50 -30.07
CA ILE B 322 -31.54 2.16 -29.47
C ILE B 322 -32.50 1.83 -30.61
N ARG B 323 -33.06 0.62 -30.59
CA ARG B 323 -33.95 0.18 -31.64
C ARG B 323 -35.40 0.18 -31.17
N HIS B 324 -36.31 0.14 -32.13
CA HIS B 324 -37.73 -0.04 -31.88
C HIS B 324 -38.22 -1.31 -32.57
N PHE B 325 -38.94 -2.14 -31.82
CA PHE B 325 -39.59 -3.31 -32.38
C PHE B 325 -41.09 -3.22 -32.12
N SER B 326 -41.85 -3.98 -32.91
CA SER B 326 -43.31 -3.91 -32.83
C SER B 326 -43.85 -4.68 -31.64
N ASP B 327 -43.36 -5.90 -31.42
CA ASP B 327 -43.95 -6.78 -30.42
C ASP B 327 -43.48 -6.43 -29.00
N ARG B 328 -42.22 -6.06 -28.83
CA ARG B 328 -41.64 -5.85 -27.52
C ARG B 328 -41.27 -4.40 -27.22
N GLY B 329 -41.53 -3.48 -28.14
CA GLY B 329 -41.26 -2.08 -27.86
C GLY B 329 -39.80 -1.71 -28.07
N LEU B 330 -39.37 -0.68 -27.33
CA LEU B 330 -38.00 -0.21 -27.45
C LEU B 330 -37.04 -1.18 -26.76
N VAL B 331 -35.83 -1.27 -27.30
CA VAL B 331 -34.80 -2.14 -26.74
C VAL B 331 -33.44 -1.58 -27.13
N VAL B 332 -32.46 -1.71 -26.23
CA VAL B 332 -31.09 -1.39 -26.57
C VAL B 332 -30.50 -2.50 -27.44
N TRP B 333 -29.48 -2.15 -28.22
CA TRP B 333 -28.98 -3.05 -29.25
C TRP B 333 -27.51 -2.75 -29.53
N GLY B 334 -26.71 -3.80 -29.60
CA GLY B 334 -25.28 -3.67 -29.82
C GLY B 334 -24.50 -3.42 -28.55
N SER B 335 -23.34 -4.06 -28.41
CA SER B 335 -22.55 -3.98 -27.19
C SER B 335 -21.07 -3.87 -27.53
N ARG B 336 -20.74 -2.99 -28.48
CA ARG B 336 -19.38 -2.83 -28.97
C ARG B 336 -18.79 -1.52 -28.46
N THR B 337 -17.49 -1.55 -28.13
CA THR B 337 -16.78 -0.37 -27.68
C THR B 337 -16.20 0.38 -28.89
N GLN B 338 -15.30 1.32 -28.63
CA GLN B 338 -14.92 2.29 -29.67
C GLN B 338 -13.87 1.70 -30.60
N LYS B 339 -12.67 1.44 -30.08
CA LYS B 339 -11.54 1.09 -30.91
C LYS B 339 -11.53 -0.40 -31.21
N ASP B 340 -11.26 -0.74 -32.47
CA ASP B 340 -11.72 -1.99 -33.03
C ASP B 340 -10.58 -2.92 -33.43
N ASP B 341 -9.57 -3.09 -32.57
CA ASP B 341 -8.73 -4.26 -32.68
C ASP B 341 -9.31 -5.43 -31.88
N ASP B 342 -8.83 -6.63 -32.20
CA ASP B 342 -9.36 -7.85 -31.58
C ASP B 342 -8.96 -8.01 -30.12
N ASP B 343 -8.24 -7.04 -29.55
CA ASP B 343 -7.92 -7.04 -28.13
C ASP B 343 -9.17 -6.87 -27.26
N TRP B 344 -9.84 -5.72 -27.35
CA TRP B 344 -11.11 -5.51 -26.65
C TRP B 344 -12.07 -4.75 -27.57
N ARG B 345 -12.96 -5.49 -28.23
CA ARG B 345 -14.05 -4.90 -29.00
C ARG B 345 -15.40 -4.99 -28.30
N TYR B 346 -15.48 -5.63 -27.14
CA TYR B 346 -16.74 -5.93 -26.50
C TYR B 346 -16.80 -5.32 -25.10
N ILE B 347 -17.99 -4.84 -24.74
CA ILE B 347 -18.18 -4.22 -23.42
C ILE B 347 -17.85 -5.17 -22.27
N PRO B 348 -18.33 -6.42 -22.25
CA PRO B 348 -18.06 -7.25 -21.07
C PRO B 348 -16.62 -7.71 -20.95
N VAL B 349 -15.92 -7.93 -22.07
CA VAL B 349 -14.53 -8.34 -21.98
C VAL B 349 -13.68 -7.19 -21.45
N ARG B 350 -14.06 -5.95 -21.75
CA ARG B 350 -13.42 -4.79 -21.14
C ARG B 350 -13.77 -4.68 -19.66
N ARG B 351 -15.04 -4.86 -19.32
CA ARG B 351 -15.48 -4.69 -17.94
C ARG B 351 -15.23 -5.91 -17.06
N LEU B 352 -14.83 -7.04 -17.62
CA LEU B 352 -14.45 -8.17 -16.78
C LEU B 352 -13.03 -8.00 -16.24
N PHE B 353 -12.11 -7.52 -17.07
CA PHE B 353 -10.75 -7.26 -16.60
C PHE B 353 -10.68 -6.02 -15.71
N ASP B 354 -11.64 -5.11 -15.85
CA ASP B 354 -11.67 -3.90 -15.04
C ASP B 354 -12.14 -4.17 -13.62
N ALA B 355 -12.96 -5.19 -13.42
CA ALA B 355 -13.45 -5.54 -12.09
C ALA B 355 -12.60 -6.59 -11.39
N ALA B 356 -11.94 -7.46 -12.15
CA ALA B 356 -11.06 -8.45 -11.52
C ALA B 356 -9.79 -7.82 -10.97
N GLU B 357 -9.34 -6.70 -11.55
CA GLU B 357 -8.15 -6.03 -11.02
C GLU B 357 -8.47 -5.26 -9.75
N ARG B 358 -9.64 -4.63 -9.67
CA ARG B 358 -9.94 -3.73 -8.57
C ARG B 358 -10.19 -4.47 -7.25
N ASP B 359 -10.55 -5.74 -7.31
CA ASP B 359 -10.76 -6.52 -6.10
C ASP B 359 -9.46 -7.10 -5.53
N ILE B 360 -8.52 -7.48 -6.39
CA ILE B 360 -7.25 -7.98 -5.88
C ILE B 360 -6.30 -6.84 -5.52
N LYS B 361 -6.45 -5.67 -6.14
CA LYS B 361 -5.59 -4.55 -5.80
C LYS B 361 -5.99 -3.92 -4.47
N LYS B 362 -7.25 -4.05 -4.08
CA LYS B 362 -7.70 -3.48 -2.81
C LYS B 362 -7.26 -4.33 -1.62
N ALA B 363 -7.02 -5.62 -1.82
CA ALA B 363 -6.67 -6.51 -0.71
C ALA B 363 -5.18 -6.80 -0.62
N LEU B 364 -4.40 -6.50 -1.66
CA LEU B 364 -2.95 -6.54 -1.55
C LEU B 364 -2.36 -5.31 -0.87
N GLN B 365 -3.17 -4.27 -0.67
CA GLN B 365 -2.77 -3.02 -0.04
C GLN B 365 -2.46 -3.18 1.46
N PRO B 366 -3.12 -4.07 2.19
CA PRO B 366 -2.63 -4.38 3.54
C PRO B 366 -1.26 -5.06 3.58
N MET B 367 -0.89 -5.84 2.57
CA MET B 367 0.46 -6.41 2.53
C MET B 367 1.27 -5.75 1.42
N VAL B 368 1.95 -4.66 1.77
CA VAL B 368 2.70 -3.85 0.80
C VAL B 368 4.11 -3.56 1.28
N PHE B 369 4.47 -3.97 2.49
CA PHE B 369 5.81 -3.76 3.03
C PHE B 369 6.36 -5.02 3.68
N GLU B 370 5.78 -6.18 3.39
CA GLU B 370 6.24 -7.44 3.94
C GLU B 370 7.49 -7.94 3.23
N PRO B 371 8.30 -8.77 3.90
CA PRO B 371 9.53 -9.26 3.29
C PRO B 371 9.26 -10.16 2.09
N ASN B 372 10.24 -10.20 1.20
CA ASN B 372 10.10 -10.81 -0.13
C ASN B 372 10.61 -12.24 -0.15
N SER B 373 10.38 -12.98 0.94
CA SER B 373 10.88 -14.35 1.06
C SER B 373 9.99 -15.30 0.26
N GLN B 374 10.16 -16.61 0.48
CA GLN B 374 9.43 -17.60 -0.30
C GLN B 374 8.08 -17.96 0.29
N LEU B 375 7.90 -17.88 1.61
CA LEU B 375 6.61 -18.24 2.18
C LEU B 375 5.55 -17.17 1.94
N THR B 376 5.96 -15.94 1.62
CA THR B 376 5.00 -14.93 1.20
C THR B 376 4.51 -15.18 -0.22
N TRP B 377 5.37 -15.76 -1.06
CA TRP B 377 5.03 -15.98 -2.46
C TRP B 377 3.95 -17.04 -2.62
N LYS B 378 4.05 -18.15 -1.88
CA LYS B 378 3.04 -19.19 -1.99
C LYS B 378 1.74 -18.82 -1.31
N ARG B 379 1.74 -17.84 -0.41
CA ARG B 379 0.49 -17.42 0.22
C ARG B 379 -0.29 -16.45 -0.66
N VAL B 380 0.43 -15.66 -1.48
CA VAL B 380 -0.23 -14.76 -2.42
C VAL B 380 -0.72 -15.53 -3.64
N GLN B 381 0.12 -16.43 -4.16
CA GLN B 381 -0.24 -17.21 -5.35
C GLN B 381 -1.44 -18.11 -5.10
N THR B 382 -1.68 -18.50 -3.84
CA THR B 382 -2.84 -19.32 -3.55
C THR B 382 -4.11 -18.48 -3.45
N ALA B 383 -4.04 -17.31 -2.80
CA ALA B 383 -5.22 -16.49 -2.64
C ALA B 383 -5.69 -15.88 -3.96
N ILE B 384 -4.82 -15.82 -4.97
CA ILE B 384 -5.24 -15.47 -6.32
C ILE B 384 -5.78 -16.70 -7.05
N ASP B 385 -5.25 -17.89 -6.75
CA ASP B 385 -5.72 -19.11 -7.38
C ASP B 385 -7.14 -19.45 -6.97
N ASN B 386 -7.47 -19.26 -5.69
CA ASN B 386 -8.82 -19.54 -5.21
C ASN B 386 -9.81 -18.44 -5.54
N TYR B 387 -9.39 -17.38 -6.24
CA TYR B 387 -10.32 -16.35 -6.71
C TYR B 387 -10.76 -16.56 -8.15
N LEU B 388 -9.85 -16.99 -9.02
CA LEU B 388 -10.21 -17.28 -10.40
C LEU B 388 -10.91 -18.63 -10.55
N TYR B 389 -10.66 -19.56 -9.63
CA TYR B 389 -11.31 -20.87 -9.73
C TYR B 389 -12.79 -20.77 -9.37
N ARG B 390 -13.13 -19.97 -8.36
CA ARG B 390 -14.53 -19.73 -8.04
C ARG B 390 -15.23 -18.99 -9.17
N LEU B 391 -14.53 -18.07 -9.82
CA LEU B 391 -15.10 -17.34 -10.95
C LEU B 391 -15.14 -18.16 -12.23
N TRP B 392 -14.32 -19.20 -12.32
CA TRP B 392 -14.35 -20.09 -13.49
C TRP B 392 -15.57 -21.00 -13.45
N GLN B 393 -15.86 -21.59 -12.30
CA GLN B 393 -16.92 -22.58 -12.16
C GLN B 393 -18.31 -21.96 -12.02
N GLN B 394 -18.46 -20.66 -12.28
CA GLN B 394 -19.78 -20.06 -12.45
C GLN B 394 -19.97 -19.46 -13.84
N GLY B 395 -19.17 -19.91 -14.81
CA GLY B 395 -19.45 -19.63 -16.21
C GLY B 395 -19.08 -18.23 -16.65
N ALA B 396 -17.83 -17.82 -16.39
CA ALA B 396 -17.36 -16.50 -16.82
C ALA B 396 -16.00 -16.54 -17.51
N LEU B 397 -15.21 -17.60 -17.36
CA LEU B 397 -13.97 -17.79 -18.10
C LEU B 397 -14.19 -18.86 -19.16
N ALA B 398 -14.00 -18.49 -20.43
CA ALA B 398 -14.28 -19.42 -21.53
C ALA B 398 -13.10 -20.38 -21.69
N GLY B 399 -13.00 -21.30 -20.74
CA GLY B 399 -12.13 -22.45 -20.85
C GLY B 399 -12.90 -23.75 -20.86
N ASN B 400 -12.28 -24.82 -21.37
CA ASN B 400 -12.97 -26.10 -21.42
C ASN B 400 -12.79 -26.82 -20.09
N LYS B 401 -13.07 -28.12 -20.03
CA LYS B 401 -13.06 -28.84 -18.78
C LYS B 401 -11.66 -29.09 -18.23
N ALA B 402 -10.61 -28.60 -18.90
CA ALA B 402 -9.27 -28.57 -18.32
C ALA B 402 -9.15 -27.38 -17.36
N GLU B 403 -7.93 -27.13 -16.89
CA GLU B 403 -7.63 -26.04 -15.98
C GLU B 403 -7.29 -24.74 -16.68
N GLU B 404 -7.15 -24.76 -18.01
CA GLU B 404 -6.45 -23.70 -18.75
C GLU B 404 -7.31 -22.44 -18.79
N ALA B 405 -7.32 -21.73 -17.66
CA ALA B 405 -7.88 -20.39 -17.60
C ALA B 405 -7.04 -19.43 -16.76
N TYR B 406 -5.93 -19.89 -16.19
CA TYR B 406 -5.11 -19.07 -15.31
C TYR B 406 -3.75 -19.72 -15.16
N PHE B 407 -2.70 -18.89 -15.09
CA PHE B 407 -1.33 -19.38 -14.96
C PHE B 407 -0.54 -18.48 -14.01
N VAL B 408 -1.16 -18.14 -12.88
CA VAL B 408 -0.57 -17.20 -11.93
C VAL B 408 0.70 -17.79 -11.33
N ARG B 409 1.82 -17.08 -11.49
CA ARG B 409 3.10 -17.55 -11.01
C ARG B 409 3.89 -16.37 -10.45
N VAL B 410 4.64 -16.63 -9.38
CA VAL B 410 5.21 -15.56 -8.57
C VAL B 410 6.63 -15.93 -8.15
N GLY B 411 7.20 -16.97 -8.76
CA GLY B 411 8.45 -17.51 -8.30
C GLY B 411 9.62 -16.56 -8.50
N LYS B 412 10.82 -17.06 -8.19
CA LYS B 412 12.03 -16.28 -8.36
C LYS B 412 12.85 -16.71 -9.57
N GLY B 413 12.95 -18.02 -9.82
CA GLY B 413 13.56 -18.48 -11.05
C GLY B 413 12.73 -18.09 -12.27
N ILE B 414 11.45 -18.43 -12.25
CA ILE B 414 10.49 -17.90 -13.20
C ILE B 414 10.12 -16.47 -12.81
N THR B 415 9.79 -15.67 -13.83
CA THR B 415 9.10 -14.39 -13.77
C THR B 415 9.87 -13.30 -13.03
N MET B 416 11.00 -13.63 -12.39
CA MET B 416 11.85 -12.63 -11.78
C MET B 416 13.30 -13.05 -11.92
N THR B 417 14.19 -12.27 -11.31
CA THR B 417 15.58 -12.67 -11.06
C THR B 417 16.11 -11.84 -9.89
N GLN B 418 17.41 -11.99 -9.62
CA GLN B 418 17.97 -11.58 -8.33
C GLN B 418 18.07 -10.06 -8.21
N ASP B 419 18.41 -9.36 -9.29
CA ASP B 419 18.84 -7.97 -9.20
C ASP B 419 17.71 -6.96 -9.06
N GLU B 420 16.46 -7.35 -9.31
CA GLU B 420 15.32 -6.49 -8.99
C GLU B 420 14.74 -6.77 -7.62
N ILE B 421 15.24 -7.80 -6.92
CA ILE B 421 14.95 -7.93 -5.50
C ILE B 421 15.62 -6.81 -4.71
N ASN B 422 16.79 -6.33 -5.18
CA ASN B 422 17.53 -5.33 -4.44
C ASN B 422 16.87 -3.96 -4.55
N GLN B 423 16.20 -3.68 -5.67
CA GLN B 423 15.27 -2.54 -5.75
C GLN B 423 13.86 -3.11 -5.61
N GLY B 424 13.44 -3.28 -4.37
CA GLY B 424 12.38 -4.19 -3.97
C GLY B 424 11.14 -4.25 -4.82
N LYS B 425 10.94 -5.37 -5.50
CA LYS B 425 9.83 -5.52 -6.44
C LYS B 425 9.20 -6.89 -6.26
N MET B 426 7.97 -7.02 -6.76
CA MET B 426 7.34 -8.30 -7.02
C MET B 426 6.64 -8.23 -8.37
N ILE B 427 6.55 -9.37 -9.04
CA ILE B 427 5.93 -9.44 -10.36
C ILE B 427 4.86 -10.52 -10.31
N ILE B 428 3.62 -10.14 -10.59
CA ILE B 428 2.50 -11.08 -10.63
C ILE B 428 2.06 -11.26 -12.08
N GLN B 429 2.59 -12.28 -12.75
CA GLN B 429 2.09 -12.61 -14.08
C GLN B 429 0.82 -13.44 -13.94
N VAL B 430 -0.31 -12.85 -14.29
CA VAL B 430 -1.61 -13.52 -14.25
C VAL B 430 -2.31 -13.28 -15.58
N GLY B 431 -3.13 -14.25 -16.00
CA GLY B 431 -3.86 -14.09 -17.23
C GLY B 431 -5.10 -14.97 -17.32
N MET B 432 -6.15 -14.43 -17.90
CA MET B 432 -7.45 -15.09 -17.98
C MET B 432 -7.77 -15.41 -19.44
N ALA B 433 -8.97 -15.96 -19.64
CA ALA B 433 -9.50 -16.26 -20.98
C ALA B 433 -11.00 -15.99 -20.94
N ALA B 434 -11.38 -14.75 -21.26
CA ALA B 434 -12.75 -14.32 -21.05
C ALA B 434 -13.68 -14.94 -22.11
N VAL B 435 -14.97 -14.69 -21.93
CA VAL B 435 -16.00 -15.25 -22.80
C VAL B 435 -16.53 -14.15 -23.69
N ARG B 436 -16.82 -14.50 -24.94
CA ARG B 436 -17.31 -13.51 -25.89
C ARG B 436 -18.83 -13.65 -26.06
N PRO B 437 -19.52 -12.54 -26.28
CA PRO B 437 -20.96 -12.64 -26.59
C PRO B 437 -21.17 -13.27 -27.96
N ALA B 438 -22.30 -13.95 -28.10
CA ALA B 438 -22.64 -14.66 -29.34
C ALA B 438 -23.65 -13.82 -30.12
N GLU B 439 -23.17 -13.14 -31.15
CA GLU B 439 -24.01 -12.52 -32.17
C GLU B 439 -23.65 -13.08 -33.54
N PHE B 440 -24.50 -12.77 -34.52
CA PHE B 440 -24.43 -13.35 -35.86
C PHE B 440 -24.52 -14.88 -35.81
N ILE B 441 -25.70 -15.34 -35.43
CA ILE B 441 -25.97 -16.78 -35.43
C ILE B 441 -26.27 -17.23 -36.85
N ILE B 442 -25.53 -18.21 -37.33
CA ILE B 442 -25.64 -18.68 -38.72
C ILE B 442 -26.07 -20.14 -38.71
N LEU B 443 -27.08 -20.46 -39.52
CA LEU B 443 -27.72 -21.77 -39.48
C LEU B 443 -27.07 -22.74 -40.45
N LYS B 444 -27.02 -22.36 -41.73
CA LYS B 444 -26.51 -23.16 -42.85
C LYS B 444 -27.09 -24.58 -42.83
N PHE B 445 -28.38 -24.63 -43.15
CA PHE B 445 -29.04 -25.90 -43.46
C PHE B 445 -28.38 -26.58 -44.64
N THR B 446 -28.40 -27.91 -44.64
CA THR B 446 -27.94 -28.70 -45.77
C THR B 446 -28.92 -29.84 -46.02
N GLN B 447 -28.72 -30.51 -47.15
CA GLN B 447 -29.57 -31.65 -47.49
C GLN B 447 -29.05 -32.93 -46.83
N ASP B 448 -27.75 -33.19 -46.94
CA ASP B 448 -27.08 -34.13 -46.04
C ASP B 448 -25.58 -33.85 -46.00
#